data_5XSB
#
_entry.id   5XSB
#
_cell.length_a   100.916
_cell.length_b   184.139
_cell.length_c   98.860
_cell.angle_alpha   90.00
_cell.angle_beta   90.00
_cell.angle_gamma   90.00
#
_symmetry.space_group_name_H-M   'C 2 2 21'
#
loop_
_entity.id
_entity.type
_entity.pdbx_description
1 polymer Transketolase
2 non-polymer 'CALCIUM ION'
3 non-polymer '2-[3-[(4-azanyl-2-methyl-pyrimidin-5-yl)methyl]-4-methyl-2H-1,3-thiazol-5-yl]ethyl phosphono hydrogen phosphate'
4 water water
#
_entity_poly.entity_id   1
_entity_poly.type   'polypeptide(L)'
_entity_poly.pdbx_seq_one_letter_code
;MGSSHHHHHHSSGLVPRGSHMSSVDQKAISTIRLLAVDAVAAANSGHPGAPLGLAPAAHAVFKKMRFNPKDTKWINRDRF
VLSNGHACALLYSMLVLYGYDLTVEDLKKFRQLGSKTPGHPENTDVPGAEVTTGPLGQGICNGVGIALAQAQFAATYNKP
DFPISDSYTYVFLGDGCLMEGVSSEASSLAGHLQLGNLIAFWDDNKISIDGSTEVAFTEDVIARYKSYGWHIVEVSDADT
DITAIAAAIDEAKKVTNKPTLVRLTTTIGFGSLAQGTHGVHGAPLKADDIKQLKTKWGFNPEESFAVPAEVTASYNEHVA
ENQKIQQQWNELFAAYKQKYPELGAELQRRLDGKLPENWDKALPVYTPADAAVATRKLSEIVLSKIIPEVPEIIGGSADL
TPSNLTKAKGTVDFQPAATGLGDYSGRYIRYGVREHAMGAIMNGIAAFGANYKNYGGTFLNFVSYAAGAVRLSALSEFPI
TWVATHDSIGLGEDGPTHQPIETLAHFRATPNISVWRPADGNETSAAYKSAIESTHTPHILALTRQNLPQLEGSSIEKAS
KGGYTLVQQDKADIIIVATGSEVSLAVDALKVLEGQGIKAGVVSLPDQLTFDKQSEEYKLSVLPDGVPILSVEVMSTFGW
SKYSHQQFGLNRFGASGKAPEIFKLFEFTPEGVAERAAKTVAFYKGKDVVSPLRSAF
;
_entity_poly.pdbx_strand_id   A
#
loop_
_chem_comp.id
_chem_comp.type
_chem_comp.name
_chem_comp.formula
8EL non-polymer '2-[3-[(4-azanyl-2-methyl-pyrimidin-5-yl)methyl]-4-methyl-2H-1,3-thiazol-5-yl]ethyl phosphono hydrogen phosphate' 'C12 H20 N4 O7 P2 S'
CA non-polymer 'CALCIUM ION' 'Ca 2'
#
# COMPACT_ATOMS: atom_id res chain seq x y z
N SER A 23 -9.53 8.92 -40.15
CA SER A 23 -8.33 8.07 -40.13
C SER A 23 -8.52 6.93 -39.16
N VAL A 24 -7.62 5.94 -39.19
CA VAL A 24 -7.73 4.85 -38.23
C VAL A 24 -7.52 5.35 -36.80
N ASP A 25 -6.59 6.29 -36.59
CA ASP A 25 -6.39 6.84 -35.25
C ASP A 25 -7.66 7.53 -34.76
N GLN A 26 -8.31 8.31 -35.62
CA GLN A 26 -9.55 8.95 -35.23
C GLN A 26 -10.61 7.92 -34.92
N LYS A 27 -10.70 6.88 -35.74
CA LYS A 27 -11.65 5.81 -35.48
C LYS A 27 -11.38 5.12 -34.14
N ALA A 28 -10.10 4.91 -33.81
CA ALA A 28 -9.76 4.29 -32.54
C ALA A 28 -10.23 5.14 -31.38
N ILE A 29 -9.98 6.45 -31.46
CA ILE A 29 -10.41 7.36 -30.39
C ILE A 29 -11.92 7.33 -30.24
N SER A 30 -12.66 7.36 -31.36
CA SER A 30 -14.11 7.24 -31.27
C SER A 30 -14.55 5.92 -30.66
N THR A 31 -13.86 4.83 -31.03
CA THR A 31 -14.18 3.52 -30.49
C THR A 31 -14.03 3.51 -28.97
N ILE A 32 -12.90 4.04 -28.49
CA ILE A 32 -12.65 4.13 -27.04
C ILE A 32 -13.76 4.91 -26.35
N ARG A 33 -14.07 6.08 -26.90
CA ARG A 33 -15.09 6.95 -26.32
C ARG A 33 -16.42 6.23 -26.22
N LEU A 34 -16.80 5.55 -27.32
CA LEU A 34 -18.12 4.92 -27.38
C LEU A 34 -18.19 3.63 -26.57
N LEU A 35 -17.09 2.87 -26.48
CA LEU A 35 -17.07 1.74 -25.56
C LEU A 35 -17.32 2.22 -24.13
N ALA A 36 -16.64 3.30 -23.74
CA ALA A 36 -16.79 3.79 -22.38
C ALA A 36 -18.22 4.24 -22.11
N VAL A 37 -18.79 5.00 -23.04
CA VAL A 37 -20.15 5.50 -22.85
C VAL A 37 -21.15 4.36 -22.84
N ASP A 38 -20.95 3.36 -23.73
CA ASP A 38 -21.84 2.21 -23.76
C ASP A 38 -21.75 1.37 -22.50
N ALA A 39 -20.55 1.26 -21.91
CA ALA A 39 -20.40 0.53 -20.65
C ALA A 39 -21.18 1.21 -19.53
N VAL A 40 -21.01 2.54 -19.42
CA VAL A 40 -21.77 3.31 -18.44
C VAL A 40 -23.27 3.16 -18.69
N ALA A 41 -23.68 3.19 -19.97
CA ALA A 41 -25.11 3.07 -20.29
C ALA A 41 -25.66 1.73 -19.86
N ALA A 42 -24.92 0.65 -20.10
CA ALA A 42 -25.39 -0.69 -19.78
C ALA A 42 -25.54 -0.86 -18.28
N ALA A 43 -24.63 -0.26 -17.50
CA ALA A 43 -24.72 -0.35 -16.05
C ALA A 43 -25.74 0.61 -15.49
N ASN A 44 -26.12 1.62 -16.28
CA ASN A 44 -26.87 2.75 -15.79
C ASN A 44 -26.20 3.35 -14.57
N SER A 45 -24.87 3.40 -14.59
CA SER A 45 -24.06 3.85 -13.47
C SER A 45 -22.67 4.13 -14.00
N GLY A 46 -22.03 5.15 -13.45
CA GLY A 46 -20.63 5.43 -13.73
C GLY A 46 -20.42 6.78 -14.39
N HIS A 47 -19.20 6.93 -14.89
CA HIS A 47 -18.61 8.24 -15.15
C HIS A 47 -18.19 8.33 -16.61
N PRO A 48 -18.97 9.01 -17.45
CA PRO A 48 -18.61 9.12 -18.88
C PRO A 48 -17.74 10.32 -19.21
N GLY A 49 -17.68 11.33 -18.35
CA GLY A 49 -17.11 12.60 -18.73
C GLY A 49 -15.62 12.55 -18.98
N ALA A 50 -14.86 12.11 -17.98
CA ALA A 50 -13.41 12.05 -18.14
C ALA A 50 -13.01 11.04 -19.22
N PRO A 51 -13.66 9.87 -19.34
CA PRO A 51 -13.32 8.99 -20.48
C PRO A 51 -13.46 9.68 -21.83
N LEU A 52 -14.54 10.44 -22.03
CA LEU A 52 -14.70 11.15 -23.28
C LEU A 52 -13.58 12.17 -23.50
N GLY A 53 -13.21 12.90 -22.43
CA GLY A 53 -12.19 13.91 -22.53
C GLY A 53 -10.78 13.36 -22.73
N LEU A 54 -10.50 12.19 -22.17
CA LEU A 54 -9.16 11.65 -22.13
C LEU A 54 -8.89 10.58 -23.17
N ALA A 55 -9.89 10.20 -23.99
CA ALA A 55 -9.65 9.17 -24.99
C ALA A 55 -8.51 9.53 -25.95
N PRO A 56 -8.40 10.76 -26.47
CA PRO A 56 -7.25 11.05 -27.36
C PRO A 56 -5.92 10.80 -26.67
N ALA A 57 -5.79 11.29 -25.43
CA ALA A 57 -4.56 11.12 -24.69
C ALA A 57 -4.30 9.64 -24.40
N ALA A 58 -5.32 8.88 -24.02
CA ALA A 58 -5.13 7.46 -23.76
C ALA A 58 -4.62 6.76 -25.01
N HIS A 59 -5.25 7.05 -26.16
CA HIS A 59 -4.80 6.46 -27.41
C HIS A 59 -3.32 6.79 -27.64
N ALA A 60 -2.95 8.05 -27.51
CA ALA A 60 -1.59 8.47 -27.78
C ALA A 60 -0.59 7.82 -26.82
N VAL A 61 -0.91 7.79 -25.54
CA VAL A 61 -0.01 7.24 -24.54
C VAL A 61 0.17 5.74 -24.74
N PHE A 62 -0.93 5.00 -24.94
CA PHE A 62 -0.78 3.56 -25.12
C PHE A 62 0.02 3.23 -26.39
N LYS A 63 -0.09 4.06 -27.43
CA LYS A 63 0.73 3.83 -28.63
C LYS A 63 2.21 4.02 -28.34
N LYS A 64 2.60 4.84 -27.37
CA LYS A 64 3.98 5.04 -26.97
C LYS A 64 4.45 3.97 -25.99
N MET A 65 3.54 3.34 -25.27
CA MET A 65 3.92 2.41 -24.22
C MET A 65 4.34 1.04 -24.77
N ARG A 66 5.28 0.44 -24.06
CA ARG A 66 5.69 -0.95 -24.27
C ARG A 66 5.05 -1.82 -23.21
N PHE A 67 4.29 -2.82 -23.65
CA PHE A 67 3.53 -3.70 -22.78
C PHE A 67 3.15 -4.94 -23.56
N ASN A 68 2.89 -6.02 -22.83
CA ASN A 68 2.43 -7.27 -23.43
C ASN A 68 1.11 -7.66 -22.78
N PRO A 69 -0.01 -7.57 -23.49
CA PRO A 69 -1.30 -7.97 -22.92
C PRO A 69 -1.32 -9.41 -22.48
N LYS A 70 -0.43 -10.25 -23.02
CA LYS A 70 -0.33 -11.65 -22.67
C LYS A 70 0.70 -11.90 -21.58
N ASP A 71 1.40 -10.87 -21.10
CA ASP A 71 2.33 -11.02 -19.97
C ASP A 71 2.33 -9.69 -19.20
N THR A 72 1.34 -9.59 -18.33
CA THR A 72 1.13 -8.37 -17.57
C THR A 72 2.23 -8.10 -16.56
N LYS A 73 3.13 -9.06 -16.33
CA LYS A 73 4.17 -8.91 -15.32
C LYS A 73 5.57 -8.72 -15.91
N TRP A 74 5.69 -8.53 -17.23
CA TRP A 74 7.00 -8.26 -17.83
C TRP A 74 7.67 -7.10 -17.10
N ILE A 75 8.86 -7.32 -16.53
CA ILE A 75 9.38 -6.36 -15.56
C ILE A 75 9.82 -5.06 -16.21
N ASN A 76 10.10 -5.08 -17.52
CA ASN A 76 10.51 -3.89 -18.24
C ASN A 76 9.37 -3.23 -19.01
N ARG A 77 8.13 -3.57 -18.70
CA ARG A 77 7.02 -2.86 -19.31
C ARG A 77 6.99 -1.40 -18.83
N ASP A 78 6.49 -0.52 -19.69
CA ASP A 78 6.02 0.76 -19.18
C ASP A 78 4.76 0.52 -18.33
N ARG A 79 4.62 1.28 -17.26
CA ARG A 79 3.42 1.21 -16.43
C ARG A 79 2.50 2.39 -16.70
N PHE A 80 1.21 2.13 -16.67
CA PHE A 80 0.18 3.16 -16.74
C PHE A 80 -0.64 3.12 -15.46
N VAL A 81 -0.92 4.30 -14.91
CA VAL A 81 -1.79 4.43 -13.74
C VAL A 81 -2.88 5.46 -14.01
N LEU A 82 -4.12 5.05 -13.82
CA LEU A 82 -5.28 5.93 -13.89
C LEU A 82 -5.58 6.43 -12.47
N SER A 83 -5.03 7.60 -12.11
CA SER A 83 -5.22 8.12 -10.76
C SER A 83 -6.65 8.63 -10.55
N ASN A 84 -7.25 9.17 -11.60
CA ASN A 84 -8.66 9.55 -11.59
C ASN A 84 -9.49 8.30 -11.90
N GLY A 85 -9.54 7.40 -10.91
CA GLY A 85 -10.02 6.05 -11.11
C GLY A 85 -11.48 5.94 -11.48
N HIS A 86 -12.28 6.96 -11.17
CA HIS A 86 -13.66 6.98 -11.63
C HIS A 86 -13.76 6.91 -13.14
N ALA A 87 -12.71 7.30 -13.85
CA ALA A 87 -12.67 7.25 -15.31
C ALA A 87 -12.34 5.85 -15.84
N CYS A 88 -12.51 4.82 -15.00
CA CYS A 88 -12.06 3.48 -15.38
C CYS A 88 -12.74 2.88 -16.59
N ALA A 89 -13.94 3.34 -17.02
CA ALA A 89 -14.43 2.81 -18.28
C ALA A 89 -13.43 3.06 -19.41
N LEU A 90 -12.66 4.16 -19.33
CA LEU A 90 -11.59 4.43 -20.29
C LEU A 90 -10.50 3.37 -20.22
N LEU A 91 -9.99 3.09 -19.03
CA LEU A 91 -8.95 2.08 -18.85
C LEU A 91 -9.44 0.72 -19.37
N TYR A 92 -10.65 0.32 -18.96
CA TYR A 92 -11.14 -0.99 -19.38
C TYR A 92 -11.27 -1.06 -20.88
N SER A 93 -11.69 0.03 -21.53
CA SER A 93 -11.78 0.04 -22.98
C SER A 93 -10.41 -0.16 -23.61
N MET A 94 -9.38 0.51 -23.09
CA MET A 94 -8.03 0.31 -23.63
C MET A 94 -7.59 -1.14 -23.50
N LEU A 95 -7.81 -1.72 -22.32
CA LEU A 95 -7.38 -3.09 -22.06
C LEU A 95 -8.09 -4.07 -22.98
N VAL A 96 -9.41 -3.86 -23.18
CA VAL A 96 -10.16 -4.70 -24.10
C VAL A 96 -9.63 -4.56 -25.52
N LEU A 97 -9.43 -3.33 -25.98
CA LEU A 97 -9.01 -3.12 -27.36
C LEU A 97 -7.63 -3.74 -27.63
N TYR A 98 -6.74 -3.74 -26.63
CA TYR A 98 -5.41 -4.29 -26.76
C TYR A 98 -5.33 -5.79 -26.48
N GLY A 99 -6.44 -6.45 -26.15
CA GLY A 99 -6.41 -7.88 -26.01
C GLY A 99 -5.81 -8.38 -24.72
N TYR A 100 -5.90 -7.59 -23.65
CA TYR A 100 -5.71 -8.13 -22.32
C TYR A 100 -6.80 -9.17 -22.04
N ASP A 101 -6.72 -9.83 -20.89
CA ASP A 101 -7.69 -10.85 -20.50
C ASP A 101 -8.94 -10.17 -19.94
N LEU A 102 -9.59 -9.41 -20.81
CA LEU A 102 -10.75 -8.57 -20.51
C LEU A 102 -11.41 -8.38 -21.87
N THR A 103 -12.71 -8.63 -21.96
CA THR A 103 -13.40 -8.66 -23.23
C THR A 103 -14.56 -7.66 -23.26
N VAL A 104 -15.13 -7.49 -24.46
CA VAL A 104 -16.35 -6.72 -24.58
C VAL A 104 -17.45 -7.28 -23.68
N GLU A 105 -17.53 -8.61 -23.54
CA GLU A 105 -18.55 -9.18 -22.65
C GLU A 105 -18.32 -8.73 -21.21
N ASP A 106 -17.07 -8.57 -20.80
CA ASP A 106 -16.79 -7.99 -19.48
C ASP A 106 -17.23 -6.53 -19.40
N LEU A 107 -17.01 -5.75 -20.47
CA LEU A 107 -17.46 -4.34 -20.47
C LEU A 107 -18.95 -4.24 -20.32
N LYS A 108 -19.69 -5.18 -20.91
CA LYS A 108 -21.14 -5.19 -20.79
C LYS A 108 -21.58 -5.43 -19.35
N LYS A 109 -20.70 -5.96 -18.51
CA LYS A 109 -20.93 -6.22 -17.10
C LYS A 109 -20.24 -5.19 -16.20
N PHE A 110 -19.93 -4.02 -16.74
CA PHE A 110 -19.36 -2.94 -15.95
C PHE A 110 -20.24 -2.68 -14.73
N ARG A 111 -19.60 -2.60 -13.57
CA ARG A 111 -20.30 -2.23 -12.33
C ARG A 111 -21.32 -3.27 -11.88
N GLN A 112 -21.26 -4.49 -12.40
CA GLN A 112 -22.16 -5.54 -11.99
C GLN A 112 -21.49 -6.53 -11.06
N LEU A 113 -22.27 -7.02 -10.10
CA LEU A 113 -21.70 -7.85 -9.05
C LEU A 113 -20.91 -9.02 -9.63
N GLY A 114 -19.66 -9.16 -9.19
CA GLY A 114 -18.81 -10.25 -9.60
C GLY A 114 -18.07 -10.05 -10.90
N SER A 115 -18.22 -8.91 -11.58
CA SER A 115 -17.58 -8.75 -12.87
C SER A 115 -16.09 -8.41 -12.73
N LYS A 116 -15.39 -8.51 -13.87
CA LYS A 116 -13.99 -8.09 -13.99
C LYS A 116 -13.85 -6.62 -14.30
N THR A 117 -14.97 -5.88 -14.26
CA THR A 117 -15.01 -4.46 -14.60
C THR A 117 -15.70 -3.70 -13.47
N PRO A 118 -15.12 -3.70 -12.27
CA PRO A 118 -15.73 -2.98 -11.16
C PRO A 118 -15.70 -1.47 -11.38
N GLY A 119 -16.51 -0.77 -10.59
CA GLY A 119 -16.69 0.66 -10.76
C GLY A 119 -15.48 1.54 -10.52
N HIS A 120 -14.46 1.03 -9.85
CA HIS A 120 -13.13 1.63 -9.79
C HIS A 120 -12.12 0.51 -9.99
N PRO A 121 -10.95 0.79 -10.54
CA PRO A 121 -10.04 -0.31 -10.88
C PRO A 121 -9.44 -0.95 -9.65
N GLU A 122 -9.38 -2.28 -9.67
CA GLU A 122 -8.81 -3.10 -8.60
C GLU A 122 -7.71 -3.97 -9.20
N ASN A 123 -6.48 -3.82 -8.70
CA ASN A 123 -5.38 -4.62 -9.24
C ASN A 123 -5.58 -6.12 -9.01
N THR A 124 -6.30 -6.52 -7.96
CA THR A 124 -6.48 -7.95 -7.73
C THR A 124 -7.42 -8.58 -8.76
N ASP A 125 -8.31 -7.80 -9.38
CA ASP A 125 -9.40 -8.30 -10.20
C ASP A 125 -9.26 -7.99 -11.68
N VAL A 126 -8.53 -6.94 -12.05
CA VAL A 126 -8.53 -6.41 -13.40
C VAL A 126 -7.14 -6.63 -14.00
N PRO A 127 -7.01 -7.47 -15.03
CA PRO A 127 -5.71 -7.62 -15.69
C PRO A 127 -5.31 -6.29 -16.34
N GLY A 128 -4.07 -5.83 -16.07
CA GLY A 128 -3.63 -4.55 -16.59
C GLY A 128 -3.88 -3.36 -15.70
N ALA A 129 -4.54 -3.56 -14.55
CA ALA A 129 -4.65 -2.51 -13.54
C ALA A 129 -3.49 -2.68 -12.58
N GLU A 130 -2.55 -1.74 -12.59
CA GLU A 130 -1.33 -1.89 -11.80
C GLU A 130 -1.60 -1.72 -10.31
N VAL A 131 -2.57 -0.87 -9.97
CA VAL A 131 -2.88 -0.46 -8.62
C VAL A 131 -4.39 -0.30 -8.53
N THR A 132 -4.87 -0.12 -7.30
CA THR A 132 -6.29 0.11 -7.04
C THR A 132 -6.47 1.61 -6.81
N THR A 133 -7.31 2.22 -7.64
CA THR A 133 -7.56 3.65 -7.54
C THR A 133 -9.06 3.87 -7.39
N GLY A 134 -9.45 5.15 -7.31
CA GLY A 134 -10.81 5.52 -6.91
C GLY A 134 -10.79 6.54 -5.78
N PRO A 135 -10.02 6.28 -4.73
CA PRO A 135 -9.75 7.32 -3.73
C PRO A 135 -8.75 8.30 -4.33
N LEU A 136 -9.17 9.53 -4.49
CA LEU A 136 -8.42 10.50 -5.27
C LEU A 136 -7.07 10.79 -4.63
N GLY A 137 -6.11 11.09 -5.49
CA GLY A 137 -4.75 11.40 -5.09
C GLY A 137 -3.82 10.20 -5.00
N GLN A 138 -4.36 9.00 -4.85
CA GLN A 138 -3.52 7.84 -4.58
C GLN A 138 -2.69 7.44 -5.79
N GLY A 139 -3.33 7.38 -6.96
CA GLY A 139 -2.64 6.84 -8.13
C GLY A 139 -1.40 7.60 -8.52
N ILE A 140 -1.43 8.93 -8.49
CA ILE A 140 -0.22 9.68 -8.81
C ILE A 140 0.91 9.32 -7.83
N CYS A 141 0.59 9.17 -6.54
CA CYS A 141 1.60 8.78 -5.58
C CYS A 141 2.09 7.36 -5.85
N ASN A 142 1.17 6.45 -6.22
CA ASN A 142 1.59 5.12 -6.61
C ASN A 142 2.54 5.20 -7.79
N GLY A 143 2.26 6.08 -8.75
CA GLY A 143 3.15 6.27 -9.88
C GLY A 143 4.54 6.76 -9.46
N VAL A 144 4.59 7.68 -8.49
CA VAL A 144 5.88 8.07 -7.93
C VAL A 144 6.61 6.84 -7.39
N GLY A 145 5.92 5.97 -6.68
CA GLY A 145 6.56 4.77 -6.15
C GLY A 145 7.00 3.77 -7.22
N ILE A 146 6.19 3.58 -8.26
CA ILE A 146 6.62 2.74 -9.38
C ILE A 146 7.88 3.30 -9.99
N ALA A 147 7.92 4.62 -10.20
CA ALA A 147 9.09 5.27 -10.79
C ALA A 147 10.30 5.21 -9.87
N LEU A 148 10.10 5.36 -8.56
CA LEU A 148 11.17 5.25 -7.58
C LEU A 148 11.77 3.85 -7.65
N ALA A 149 10.91 2.84 -7.60
CA ALA A 149 11.35 1.46 -7.71
C ALA A 149 12.10 1.22 -9.02
N GLN A 150 11.57 1.73 -10.13
CA GLN A 150 12.26 1.49 -11.41
C GLN A 150 13.66 2.08 -11.36
N ALA A 151 13.82 3.28 -10.80
CA ALA A 151 15.14 3.90 -10.73
C ALA A 151 16.08 3.09 -9.85
N GLN A 152 15.59 2.61 -8.73
CA GLN A 152 16.40 1.82 -7.81
C GLN A 152 16.79 0.49 -8.46
N PHE A 153 15.84 -0.13 -9.13
CA PHE A 153 16.03 -1.42 -9.80
C PHE A 153 17.05 -1.28 -10.92
N ALA A 154 16.90 -0.26 -11.76
CA ALA A 154 17.84 -0.02 -12.84
C ALA A 154 19.23 0.25 -12.30
N ALA A 155 19.34 1.04 -11.24
CA ALA A 155 20.64 1.32 -10.67
C ALA A 155 21.30 0.07 -10.12
N THR A 156 20.49 -0.87 -9.62
CA THR A 156 20.98 -2.10 -9.04
C THR A 156 21.46 -3.08 -10.11
N TYR A 157 20.73 -3.19 -11.21
CA TYR A 157 20.98 -4.26 -12.18
C TYR A 157 21.58 -3.82 -13.50
N ASN A 158 21.31 -2.62 -14.00
CA ASN A 158 21.77 -2.31 -15.35
C ASN A 158 23.30 -2.29 -15.39
N LYS A 159 23.84 -2.69 -16.54
CA LYS A 159 25.27 -2.71 -16.78
C LYS A 159 25.50 -2.17 -18.19
N PRO A 160 26.75 -1.85 -18.56
CA PRO A 160 27.01 -1.44 -19.95
C PRO A 160 26.53 -2.51 -20.92
N ASP A 161 25.80 -2.07 -21.95
CA ASP A 161 25.18 -2.94 -22.95
C ASP A 161 24.03 -3.78 -22.41
N PHE A 162 23.62 -3.56 -21.16
CA PHE A 162 22.54 -4.35 -20.53
C PHE A 162 21.55 -3.42 -19.84
N PRO A 163 20.69 -2.76 -20.64
CA PRO A 163 19.60 -1.94 -20.08
C PRO A 163 18.45 -2.85 -19.65
N ILE A 164 18.69 -3.57 -18.55
CA ILE A 164 17.68 -4.48 -18.00
C ILE A 164 16.38 -3.74 -17.67
N SER A 165 16.50 -2.53 -17.12
CA SER A 165 15.33 -1.74 -16.78
C SER A 165 15.49 -0.34 -17.31
N ASP A 166 14.53 0.08 -18.15
CA ASP A 166 14.57 1.41 -18.76
C ASP A 166 13.16 1.93 -19.02
N SER A 167 12.21 1.46 -18.25
CA SER A 167 10.80 1.73 -18.49
C SER A 167 10.36 3.05 -17.87
N TYR A 168 9.23 3.51 -18.37
CA TYR A 168 8.58 4.74 -17.96
C TYR A 168 7.31 4.44 -17.14
N THR A 169 6.88 5.47 -16.43
CA THR A 169 5.66 5.42 -15.63
C THR A 169 4.78 6.58 -16.10
N TYR A 170 3.62 6.25 -16.65
CA TYR A 170 2.66 7.21 -17.20
C TYR A 170 1.47 7.27 -16.26
N VAL A 171 1.07 8.47 -15.85
CA VAL A 171 -0.04 8.62 -14.92
C VAL A 171 -1.03 9.63 -15.47
N PHE A 172 -2.33 9.28 -15.47
CA PHE A 172 -3.39 10.25 -15.71
C PHE A 172 -3.97 10.67 -14.37
N LEU A 173 -4.22 11.98 -14.22
CA LEU A 173 -4.81 12.50 -12.99
C LEU A 173 -5.69 13.68 -13.34
N GLY A 174 -6.63 13.99 -12.45
CA GLY A 174 -7.53 15.10 -12.64
C GLY A 174 -7.39 16.15 -11.56
N ASP A 175 -8.33 17.11 -11.61
CA ASP A 175 -8.34 18.20 -10.66
C ASP A 175 -8.47 17.70 -9.22
N GLY A 176 -9.29 16.66 -9.02
CA GLY A 176 -9.46 16.14 -7.67
C GLY A 176 -8.18 15.60 -7.07
N CYS A 177 -7.41 14.87 -7.89
CA CYS A 177 -6.12 14.37 -7.43
C CYS A 177 -5.21 15.52 -7.04
N LEU A 178 -5.22 16.62 -7.83
CA LEU A 178 -4.38 17.79 -7.58
C LEU A 178 -4.80 18.59 -6.35
N MET A 179 -6.05 18.46 -5.92
CA MET A 179 -6.51 19.11 -4.69
C MET A 179 -6.14 18.32 -3.45
N GLU A 180 -6.03 16.99 -3.56
CA GLU A 180 -5.73 16.16 -2.40
C GLU A 180 -4.29 16.36 -1.96
N GLY A 181 -4.09 16.62 -0.67
CA GLY A 181 -2.77 16.89 -0.18
C GLY A 181 -1.75 15.79 -0.41
N VAL A 182 -2.19 14.54 -0.45
CA VAL A 182 -1.26 13.45 -0.65
C VAL A 182 -0.48 13.63 -1.96
N SER A 183 -1.16 14.15 -3.01
CA SER A 183 -0.45 14.34 -4.27
C SER A 183 0.60 15.43 -4.20
N SER A 184 0.35 16.46 -3.40
CA SER A 184 1.35 17.50 -3.20
C SER A 184 2.58 16.93 -2.53
N GLU A 185 2.38 16.13 -1.49
CA GLU A 185 3.51 15.48 -0.82
C GLU A 185 4.33 14.68 -1.82
N ALA A 186 3.67 13.82 -2.59
CA ALA A 186 4.41 12.94 -3.49
C ALA A 186 5.06 13.72 -4.61
N SER A 187 4.43 14.80 -5.06
CA SER A 187 4.97 15.58 -6.16
C SER A 187 6.18 16.39 -5.71
N SER A 188 6.15 16.93 -4.50
CA SER A 188 7.32 17.58 -3.93
C SER A 188 8.48 16.58 -3.87
N LEU A 189 8.22 15.39 -3.34
CA LEU A 189 9.26 14.39 -3.20
C LEU A 189 9.77 13.92 -4.57
N ALA A 190 8.87 13.68 -5.52
CA ALA A 190 9.29 13.22 -6.85
C ALA A 190 10.18 14.22 -7.57
N GLY A 191 9.86 15.51 -7.40
CA GLY A 191 10.70 16.56 -7.94
C GLY A 191 12.06 16.57 -7.29
N HIS A 192 12.09 16.48 -5.96
CA HIS A 192 13.35 16.38 -5.25
C HIS A 192 14.19 15.19 -5.76
N LEU A 193 13.54 14.06 -6.00
CA LEU A 193 14.23 12.84 -6.40
C LEU A 193 14.54 12.78 -7.89
N GLN A 194 14.18 13.82 -8.65
CA GLN A 194 14.60 13.98 -10.05
C GLN A 194 14.16 12.78 -10.89
N LEU A 195 12.92 12.32 -10.68
CA LEU A 195 12.44 11.08 -11.28
C LEU A 195 12.00 11.32 -12.73
N GLY A 196 13.00 11.31 -13.62
CA GLY A 196 12.80 11.65 -15.01
C GLY A 196 12.05 10.63 -15.83
N ASN A 197 11.79 9.43 -15.32
CA ASN A 197 11.00 8.47 -16.07
C ASN A 197 9.52 8.50 -15.69
N LEU A 198 9.13 9.47 -14.86
CA LEU A 198 7.73 9.71 -14.52
C LEU A 198 7.18 10.80 -15.43
N ILE A 199 6.05 10.49 -16.07
CA ILE A 199 5.36 11.39 -16.97
C ILE A 199 3.89 11.37 -16.57
N ALA A 200 3.42 12.47 -16.01
CA ALA A 200 2.04 12.58 -15.55
C ALA A 200 1.29 13.54 -16.49
N PHE A 201 -0.01 13.30 -16.60
CA PHE A 201 -0.89 14.05 -17.50
C PHE A 201 -2.07 14.53 -16.67
N TRP A 202 -2.21 15.85 -16.59
CA TRP A 202 -3.31 16.50 -15.89
C TRP A 202 -4.45 16.72 -16.88
N ASP A 203 -5.62 16.15 -16.55
CA ASP A 203 -6.85 16.39 -17.30
C ASP A 203 -7.41 17.75 -16.87
N ASP A 204 -6.96 18.79 -17.57
CA ASP A 204 -7.31 20.18 -17.24
C ASP A 204 -8.61 20.52 -17.93
N ASN A 205 -9.72 20.11 -17.29
CA ASN A 205 -11.06 20.30 -17.85
C ASN A 205 -11.91 21.29 -17.06
N LYS A 206 -11.37 21.86 -15.99
CA LYS A 206 -11.97 22.95 -15.24
C LYS A 206 -13.34 22.61 -14.65
N ILE A 207 -13.60 21.33 -14.42
CA ILE A 207 -14.88 20.87 -13.87
C ILE A 207 -14.59 19.81 -12.82
N SER A 208 -15.27 19.90 -11.68
CA SER A 208 -15.31 18.82 -10.70
C SER A 208 -16.77 18.63 -10.29
N ILE A 209 -17.03 17.86 -9.23
CA ILE A 209 -18.44 17.57 -8.90
C ILE A 209 -19.22 18.83 -8.55
N ASP A 210 -18.59 19.75 -7.83
CA ASP A 210 -19.28 20.96 -7.40
C ASP A 210 -19.38 22.01 -8.50
N GLY A 211 -18.92 21.71 -9.70
CA GLY A 211 -19.04 22.63 -10.82
C GLY A 211 -17.69 23.12 -11.29
N SER A 212 -17.64 24.37 -11.71
CA SER A 212 -16.40 24.95 -12.18
C SER A 212 -15.33 24.88 -11.11
N THR A 213 -14.08 24.62 -11.52
CA THR A 213 -12.96 24.76 -10.58
C THR A 213 -12.80 26.19 -10.08
N GLU A 214 -13.43 27.17 -10.73
CA GLU A 214 -13.36 28.53 -10.21
C GLU A 214 -13.92 28.65 -8.80
N VAL A 215 -14.77 27.70 -8.36
CA VAL A 215 -15.39 27.83 -7.04
C VAL A 215 -14.45 27.44 -5.91
N ALA A 216 -13.37 26.70 -6.18
CA ALA A 216 -12.56 26.15 -5.09
C ALA A 216 -11.11 25.89 -5.47
N PHE A 217 -10.72 26.02 -6.74
CA PHE A 217 -9.41 25.50 -7.19
C PHE A 217 -8.88 26.45 -8.27
N THR A 218 -8.38 27.60 -7.82
CA THR A 218 -7.95 28.69 -8.67
C THR A 218 -6.43 28.89 -8.63
N GLU A 219 -5.71 28.03 -7.91
CA GLU A 219 -4.26 28.12 -7.88
C GLU A 219 -3.67 27.93 -9.27
N ASP A 220 -2.45 28.43 -9.42
CA ASP A 220 -1.67 28.23 -10.65
C ASP A 220 -0.92 26.91 -10.52
N VAL A 221 -1.57 25.83 -10.98
CA VAL A 221 -1.04 24.48 -10.86
C VAL A 221 0.33 24.38 -11.50
N ILE A 222 0.46 24.94 -12.70
CA ILE A 222 1.72 24.84 -13.43
C ILE A 222 2.85 25.50 -12.66
N ALA A 223 2.59 26.69 -12.10
CA ALA A 223 3.61 27.36 -11.29
C ALA A 223 3.96 26.50 -10.07
N ARG A 224 2.97 25.87 -9.46
CA ARG A 224 3.26 25.00 -8.32
C ARG A 224 4.17 23.83 -8.73
N TYR A 225 3.84 23.19 -9.85
CA TYR A 225 4.67 22.06 -10.26
C TYR A 225 6.09 22.52 -10.65
N LYS A 226 6.24 23.70 -11.23
CA LYS A 226 7.59 24.20 -11.46
C LYS A 226 8.33 24.39 -10.13
N SER A 227 7.61 24.82 -9.07
CA SER A 227 8.25 25.04 -7.77
C SER A 227 8.77 23.74 -7.16
N TYR A 228 8.16 22.60 -7.53
CA TYR A 228 8.63 21.29 -7.09
C TYR A 228 9.81 20.78 -7.91
N GLY A 229 10.16 21.44 -9.00
CA GLY A 229 11.22 20.95 -9.88
C GLY A 229 10.74 20.02 -10.96
N TRP A 230 9.46 20.07 -11.34
CA TRP A 230 8.97 19.33 -12.48
C TRP A 230 9.17 20.11 -13.77
N HIS A 231 9.31 19.37 -14.87
CA HIS A 231 9.22 19.91 -16.20
C HIS A 231 7.76 19.96 -16.62
N ILE A 232 7.40 20.95 -17.45
CA ILE A 232 6.03 21.14 -17.88
C ILE A 232 5.95 21.11 -19.38
N VAL A 233 4.94 20.42 -19.93
CA VAL A 233 4.54 20.57 -21.32
C VAL A 233 3.06 20.88 -21.34
N GLU A 234 2.64 21.89 -22.11
CA GLU A 234 1.22 22.22 -22.21
C GLU A 234 0.69 21.85 -23.58
N VAL A 235 -0.44 21.16 -23.61
CA VAL A 235 -1.14 20.79 -24.83
C VAL A 235 -2.50 21.50 -24.80
N SER A 236 -2.60 22.57 -25.58
CA SER A 236 -3.76 23.47 -25.47
C SER A 236 -5.03 22.86 -26.06
N ASP A 237 -4.88 21.94 -27.02
CA ASP A 237 -6.05 21.34 -27.68
C ASP A 237 -6.02 19.83 -27.54
N ALA A 238 -6.10 19.32 -26.32
CA ALA A 238 -5.99 17.89 -26.10
C ALA A 238 -7.27 17.13 -26.44
N ASP A 239 -8.34 17.82 -26.86
CA ASP A 239 -9.52 17.15 -27.38
C ASP A 239 -9.24 16.50 -28.73
N THR A 240 -8.25 16.99 -29.48
CA THR A 240 -7.98 16.49 -30.82
C THR A 240 -6.49 16.29 -31.12
N ASP A 241 -5.56 17.01 -30.47
CA ASP A 241 -4.20 17.12 -30.98
C ASP A 241 -3.31 15.99 -30.43
N ILE A 242 -3.53 14.79 -30.98
CA ILE A 242 -2.71 13.64 -30.57
C ILE A 242 -1.27 13.78 -31.02
N THR A 243 -1.02 14.53 -32.11
CA THR A 243 0.35 14.80 -32.50
C THR A 243 1.11 15.54 -31.39
N ALA A 244 0.46 16.54 -30.80
CA ALA A 244 1.08 17.29 -29.71
C ALA A 244 1.22 16.45 -28.45
N ILE A 245 0.27 15.54 -28.19
CA ILE A 245 0.40 14.69 -27.01
C ILE A 245 1.60 13.75 -27.18
N ALA A 246 1.73 13.14 -28.37
CA ALA A 246 2.89 12.30 -28.64
C ALA A 246 4.19 13.10 -28.53
N ALA A 247 4.18 14.34 -29.06
CA ALA A 247 5.38 15.17 -28.98
C ALA A 247 5.72 15.52 -27.55
N ALA A 248 4.69 15.71 -26.70
CA ALA A 248 4.93 16.00 -25.28
C ALA A 248 5.62 14.84 -24.59
N ILE A 249 5.25 13.60 -24.95
CA ILE A 249 5.93 12.44 -24.41
C ILE A 249 7.38 12.41 -24.85
N ASP A 250 7.63 12.67 -26.14
CA ASP A 250 9.00 12.71 -26.63
C ASP A 250 9.82 13.75 -25.88
N GLU A 251 9.23 14.93 -25.66
CA GLU A 251 9.92 16.00 -24.95
C GLU A 251 10.22 15.57 -23.52
N ALA A 252 9.21 14.98 -22.85
CA ALA A 252 9.42 14.51 -21.48
C ALA A 252 10.56 13.50 -21.40
N LYS A 253 10.67 12.61 -22.39
CA LYS A 253 11.75 11.62 -22.35
C LYS A 253 13.13 12.24 -22.49
N LYS A 254 13.24 13.42 -23.10
CA LYS A 254 14.52 14.11 -23.18
C LYS A 254 14.95 14.75 -21.87
N VAL A 255 14.01 14.98 -20.95
CA VAL A 255 14.32 15.63 -19.68
C VAL A 255 14.52 14.52 -18.64
N THR A 256 15.77 14.08 -18.48
CA THR A 256 16.02 12.87 -17.71
C THR A 256 16.14 13.11 -16.21
N ASN A 257 16.18 14.37 -15.78
CA ASN A 257 16.38 14.70 -14.39
C ASN A 257 15.20 15.42 -13.76
N LYS A 258 14.02 15.38 -14.40
CA LYS A 258 12.83 15.96 -13.80
C LYS A 258 11.64 15.11 -14.19
N PRO A 259 10.71 14.83 -13.26
CA PRO A 259 9.41 14.33 -13.67
C PRO A 259 8.70 15.39 -14.49
N THR A 260 7.83 14.97 -15.39
CA THR A 260 7.13 15.89 -16.28
C THR A 260 5.64 15.86 -16.01
N LEU A 261 5.02 17.05 -15.97
CA LEU A 261 3.57 17.21 -15.97
C LEU A 261 3.16 17.75 -17.33
N VAL A 262 2.30 16.99 -18.01
CA VAL A 262 1.71 17.40 -19.28
C VAL A 262 0.30 17.91 -18.99
N ARG A 263 0.08 19.20 -19.25
CA ARG A 263 -1.24 19.80 -19.08
C ARG A 263 -2.08 19.50 -20.31
N LEU A 264 -3.10 18.68 -20.16
CA LEU A 264 -4.01 18.33 -21.25
C LEU A 264 -5.25 19.18 -21.10
N THR A 265 -5.37 20.24 -21.89
CA THR A 265 -6.59 21.05 -21.81
C THR A 265 -7.66 20.35 -22.63
N THR A 266 -8.68 19.83 -21.92
CA THR A 266 -9.74 19.03 -22.51
C THR A 266 -11.09 19.62 -22.15
N THR A 267 -12.10 19.12 -22.85
CA THR A 267 -13.50 19.35 -22.52
C THR A 267 -14.05 18.10 -21.88
N ILE A 268 -14.51 18.20 -20.62
CA ILE A 268 -15.10 17.03 -19.99
C ILE A 268 -16.29 16.60 -20.83
N GLY A 269 -16.43 15.30 -21.06
CA GLY A 269 -17.56 14.86 -21.84
C GLY A 269 -17.50 15.24 -23.30
N PHE A 270 -16.32 15.52 -23.86
CA PHE A 270 -16.18 15.97 -25.23
C PHE A 270 -17.07 15.17 -26.17
N GLY A 271 -17.88 15.92 -26.93
CA GLY A 271 -18.78 15.36 -27.90
C GLY A 271 -20.21 15.27 -27.42
N SER A 272 -20.42 15.10 -26.12
CA SER A 272 -21.76 15.03 -25.57
C SER A 272 -22.46 16.38 -25.72
N LEU A 273 -23.79 16.31 -25.82
CA LEU A 273 -24.59 17.52 -25.71
C LEU A 273 -24.30 18.27 -24.42
N ALA A 274 -23.92 17.53 -23.37
CA ALA A 274 -23.66 18.05 -22.04
C ALA A 274 -22.17 18.23 -21.77
N GLN A 275 -21.35 18.25 -22.83
CA GLN A 275 -19.92 18.46 -22.62
C GLN A 275 -19.68 19.76 -21.85
N GLY A 276 -18.61 19.77 -21.06
CA GLY A 276 -18.24 20.99 -20.37
C GLY A 276 -19.08 21.33 -19.19
N THR A 277 -19.79 20.37 -18.63
CA THR A 277 -20.67 20.57 -17.48
C THR A 277 -20.41 19.52 -16.42
N HIS A 278 -20.75 19.85 -15.16
CA HIS A 278 -20.59 18.87 -14.09
C HIS A 278 -21.52 17.68 -14.26
N GLY A 279 -22.65 17.85 -14.96
CA GLY A 279 -23.59 16.77 -15.13
C GLY A 279 -23.04 15.60 -15.90
N VAL A 280 -22.02 15.81 -16.73
CA VAL A 280 -21.41 14.73 -17.51
C VAL A 280 -20.33 14.01 -16.73
N HIS A 281 -19.95 14.49 -15.54
CA HIS A 281 -18.90 13.85 -14.77
C HIS A 281 -19.28 12.43 -14.37
N GLY A 282 -20.50 12.24 -13.84
CA GLY A 282 -20.74 11.11 -12.98
C GLY A 282 -22.08 10.43 -13.10
N ALA A 283 -22.75 10.61 -14.22
CA ALA A 283 -24.00 9.91 -14.46
C ALA A 283 -24.06 9.50 -15.92
N PRO A 284 -24.83 8.46 -16.22
CA PRO A 284 -24.98 8.05 -17.62
C PRO A 284 -25.53 9.15 -18.50
N LEU A 285 -25.09 9.15 -19.75
CA LEU A 285 -25.62 10.08 -20.74
C LEU A 285 -27.06 9.71 -21.10
N LYS A 286 -27.81 10.69 -21.61
CA LYS A 286 -29.12 10.40 -22.13
C LYS A 286 -29.01 9.59 -23.42
N ALA A 287 -30.02 8.75 -23.69
CA ALA A 287 -29.97 7.90 -24.88
C ALA A 287 -29.82 8.69 -26.17
N ASP A 288 -30.51 9.84 -26.27
CA ASP A 288 -30.44 10.65 -27.49
C ASP A 288 -29.05 11.28 -27.65
N ASP A 289 -28.39 11.57 -26.54
CA ASP A 289 -27.04 12.08 -26.58
C ASP A 289 -26.12 11.02 -27.16
N ILE A 290 -26.26 9.77 -26.70
CA ILE A 290 -25.40 8.70 -27.22
C ILE A 290 -25.65 8.51 -28.72
N LYS A 291 -26.90 8.64 -29.17
CA LYS A 291 -27.17 8.49 -30.60
C LYS A 291 -26.43 9.55 -31.41
N GLN A 292 -26.48 10.81 -30.98
CA GLN A 292 -25.82 11.86 -31.76
C GLN A 292 -24.30 11.72 -31.71
N LEU A 293 -23.74 11.22 -30.61
CA LEU A 293 -22.31 10.93 -30.55
C LEU A 293 -21.94 9.95 -31.64
N LYS A 294 -22.72 8.87 -31.72
CA LYS A 294 -22.40 7.83 -32.67
C LYS A 294 -22.49 8.34 -34.09
N THR A 295 -23.59 9.02 -34.43
CA THR A 295 -23.74 9.40 -35.81
C THR A 295 -22.67 10.40 -36.22
N LYS A 296 -22.29 11.30 -35.34
CA LYS A 296 -21.33 12.27 -35.87
C LYS A 296 -19.92 11.72 -35.94
N TRP A 297 -19.63 10.62 -35.26
CA TRP A 297 -18.34 9.95 -35.36
C TRP A 297 -18.37 8.78 -36.34
N GLY A 298 -19.47 8.60 -37.06
CA GLY A 298 -19.54 7.61 -38.11
C GLY A 298 -19.90 6.22 -37.65
N PHE A 299 -20.43 6.09 -36.45
CA PHE A 299 -20.87 4.83 -35.89
C PHE A 299 -22.38 4.70 -36.05
N ASN A 300 -22.87 3.47 -35.88
CA ASN A 300 -24.29 3.17 -36.01
C ASN A 300 -24.97 3.48 -34.68
N PRO A 301 -25.90 4.46 -34.64
CA PRO A 301 -26.55 4.80 -33.36
C PRO A 301 -27.40 3.68 -32.78
N GLU A 302 -27.73 2.66 -33.59
CA GLU A 302 -28.47 1.49 -33.11
C GLU A 302 -27.56 0.42 -32.51
N GLU A 303 -26.24 0.58 -32.58
CA GLU A 303 -25.30 -0.44 -32.15
C GLU A 303 -24.58 0.02 -30.90
N SER A 304 -24.36 -0.93 -29.99
CA SER A 304 -23.53 -0.69 -28.82
C SER A 304 -22.34 -1.64 -28.81
N PHE A 305 -21.29 -1.19 -28.13
CA PHE A 305 -20.07 -1.96 -27.96
C PHE A 305 -19.42 -2.32 -29.29
N ALA A 306 -19.47 -1.42 -30.26
CA ALA A 306 -18.83 -1.65 -31.55
C ALA A 306 -17.32 -1.60 -31.43
N VAL A 307 -16.66 -2.55 -32.11
CA VAL A 307 -15.19 -2.55 -32.19
C VAL A 307 -14.83 -2.72 -33.67
N PRO A 308 -14.58 -1.64 -34.38
CA PRO A 308 -14.20 -1.76 -35.79
C PRO A 308 -12.94 -2.59 -35.93
N ALA A 309 -12.96 -3.52 -36.90
CA ALA A 309 -11.81 -4.40 -37.05
C ALA A 309 -10.55 -3.67 -37.45
N GLU A 310 -10.66 -2.52 -38.11
CA GLU A 310 -9.44 -1.78 -38.41
C GLU A 310 -8.76 -1.25 -37.15
N VAL A 311 -9.54 -0.93 -36.10
CA VAL A 311 -8.97 -0.50 -34.84
C VAL A 311 -8.23 -1.65 -34.18
N THR A 312 -8.89 -2.81 -34.12
CA THR A 312 -8.24 -4.02 -33.61
C THR A 312 -6.94 -4.29 -34.36
N ALA A 313 -6.96 -4.15 -35.70
CA ALA A 313 -5.75 -4.43 -36.47
C ALA A 313 -4.64 -3.48 -36.09
N SER A 314 -4.94 -2.19 -35.99
CA SER A 314 -3.94 -1.20 -35.67
C SER A 314 -3.34 -1.47 -34.29
N TYR A 315 -4.20 -1.79 -33.33
CA TYR A 315 -3.73 -2.03 -31.98
C TYR A 315 -2.93 -3.32 -31.91
N ASN A 316 -3.37 -4.34 -32.67
CA ASN A 316 -2.62 -5.59 -32.73
C ASN A 316 -1.23 -5.40 -33.30
N GLU A 317 -1.06 -4.48 -34.27
CA GLU A 317 0.28 -4.24 -34.80
C GLU A 317 1.21 -3.76 -33.69
N HIS A 318 0.71 -2.85 -32.84
CA HIS A 318 1.51 -2.33 -31.75
C HIS A 318 1.82 -3.42 -30.73
N VAL A 319 0.84 -4.27 -30.42
CA VAL A 319 1.09 -5.40 -29.52
C VAL A 319 2.16 -6.30 -30.08
N ALA A 320 2.08 -6.63 -31.37
CA ALA A 320 3.06 -7.54 -31.96
C ALA A 320 4.46 -6.93 -31.87
N GLU A 321 4.58 -5.63 -32.13
CA GLU A 321 5.88 -4.97 -32.00
C GLU A 321 6.37 -5.03 -30.56
N ASN A 322 5.48 -4.78 -29.60
CA ASN A 322 5.85 -4.84 -28.19
C ASN A 322 6.29 -6.23 -27.79
N GLN A 323 5.62 -7.26 -28.31
CA GLN A 323 5.99 -8.63 -27.99
C GLN A 323 7.37 -8.96 -28.54
N LYS A 324 7.72 -8.44 -29.72
CA LYS A 324 9.08 -8.62 -30.23
C LYS A 324 10.09 -7.88 -29.36
N ILE A 325 9.74 -6.72 -28.81
CA ILE A 325 10.61 -6.03 -27.85
C ILE A 325 10.82 -6.88 -26.61
N GLN A 326 9.74 -7.46 -26.06
CA GLN A 326 9.92 -8.33 -24.90
C GLN A 326 10.74 -9.57 -25.25
N GLN A 327 10.52 -10.14 -26.43
CA GLN A 327 11.31 -11.30 -26.84
C GLN A 327 12.81 -10.96 -26.82
N GLN A 328 13.16 -9.78 -27.34
CA GLN A 328 14.55 -9.35 -27.33
C GLN A 328 15.03 -9.09 -25.92
N TRP A 329 14.17 -8.53 -25.06
CA TRP A 329 14.53 -8.34 -23.65
C TRP A 329 14.84 -9.69 -22.99
N ASN A 330 14.05 -10.71 -23.30
CA ASN A 330 14.34 -12.02 -22.72
C ASN A 330 15.72 -12.52 -23.14
N GLU A 331 16.11 -12.27 -24.40
CA GLU A 331 17.45 -12.66 -24.83
C GLU A 331 18.53 -11.82 -24.16
N LEU A 332 18.25 -10.52 -23.96
CA LEU A 332 19.17 -9.66 -23.23
C LEU A 332 19.39 -10.20 -21.81
N PHE A 333 18.29 -10.61 -21.17
CA PHE A 333 18.36 -11.16 -19.82
C PHE A 333 19.16 -12.46 -19.79
N ALA A 334 18.96 -13.31 -20.79
CA ALA A 334 19.78 -14.53 -20.86
C ALA A 334 21.26 -14.18 -21.00
N ALA A 335 21.59 -13.19 -21.85
CA ALA A 335 22.99 -12.80 -22.02
C ALA A 335 23.54 -12.16 -20.75
N TYR A 336 22.69 -11.44 -20.02
CA TYR A 336 23.08 -10.84 -18.76
C TYR A 336 23.46 -11.91 -17.75
N LYS A 337 22.68 -12.98 -17.68
CA LYS A 337 22.99 -14.08 -16.77
C LYS A 337 24.31 -14.74 -17.11
N GLN A 338 24.68 -14.76 -18.39
CA GLN A 338 26.01 -15.29 -18.75
C GLN A 338 27.11 -14.35 -18.31
N LYS A 339 26.95 -13.06 -18.54
CA LYS A 339 28.03 -12.13 -18.25
C LYS A 339 28.14 -11.77 -16.77
N TYR A 340 27.02 -11.75 -16.06
CA TYR A 340 26.95 -11.31 -14.66
C TYR A 340 26.22 -12.42 -13.92
N PRO A 341 26.88 -13.54 -13.67
CA PRO A 341 26.15 -14.70 -13.16
C PRO A 341 25.48 -14.49 -11.81
N GLU A 342 26.15 -13.79 -10.88
CA GLU A 342 25.59 -13.53 -9.56
C GLU A 342 24.38 -12.61 -9.63
N LEU A 343 24.53 -11.46 -10.30
CA LEU A 343 23.41 -10.55 -10.42
C LEU A 343 22.29 -11.19 -11.20
N GLY A 344 22.61 -11.96 -12.23
CA GLY A 344 21.56 -12.56 -13.02
C GLY A 344 20.76 -13.57 -12.23
N ALA A 345 21.42 -14.37 -11.38
CA ALA A 345 20.68 -15.32 -10.55
C ALA A 345 19.81 -14.60 -9.53
N GLU A 346 20.32 -13.52 -8.96
CA GLU A 346 19.55 -12.72 -8.02
C GLU A 346 18.32 -12.15 -8.69
N LEU A 347 18.49 -11.60 -9.87
CA LEU A 347 17.37 -11.04 -10.60
C LEU A 347 16.36 -12.12 -10.92
N GLN A 348 16.83 -13.29 -11.38
CA GLN A 348 15.89 -14.36 -11.68
C GLN A 348 15.08 -14.77 -10.46
N ARG A 349 15.76 -14.92 -9.32
CA ARG A 349 15.06 -15.32 -8.11
C ARG A 349 13.97 -14.29 -7.75
N ARG A 350 14.31 -13.00 -7.85
CA ARG A 350 13.34 -11.95 -7.57
C ARG A 350 12.15 -11.99 -8.51
N LEU A 351 12.40 -12.23 -9.81
CA LEU A 351 11.30 -12.29 -10.77
C LEU A 351 10.46 -13.54 -10.55
N ASP A 352 11.02 -14.57 -9.91
CA ASP A 352 10.27 -15.76 -9.53
C ASP A 352 9.49 -15.56 -8.25
N GLY A 353 9.67 -14.43 -7.56
CA GLY A 353 8.95 -14.16 -6.35
C GLY A 353 9.47 -14.84 -5.12
N LYS A 354 10.73 -15.27 -5.14
CA LYS A 354 11.33 -16.06 -4.06
C LYS A 354 12.37 -15.23 -3.34
N LEU A 355 12.33 -15.30 -2.01
CA LEU A 355 13.37 -14.74 -1.17
C LEU A 355 14.64 -15.60 -1.24
N PRO A 356 15.79 -15.08 -0.83
CA PRO A 356 16.99 -15.91 -0.77
C PRO A 356 16.78 -17.12 0.12
N GLU A 357 17.36 -18.24 -0.31
CA GLU A 357 17.31 -19.45 0.48
C GLU A 357 17.88 -19.19 1.88
N ASN A 358 17.10 -19.59 2.89
CA ASN A 358 17.55 -19.51 4.29
C ASN A 358 17.85 -18.09 4.73
N TRP A 359 17.20 -17.08 4.10
CA TRP A 359 17.48 -15.71 4.50
C TRP A 359 17.17 -15.50 5.97
N ASP A 360 16.19 -16.23 6.49
CA ASP A 360 15.72 -16.02 7.85
C ASP A 360 16.72 -16.49 8.90
N LYS A 361 17.77 -17.20 8.50
CA LYS A 361 18.84 -17.49 9.44
C LYS A 361 19.56 -16.24 9.91
N ALA A 362 19.40 -15.10 9.21
CA ALA A 362 19.96 -13.84 9.66
C ALA A 362 19.14 -13.19 10.77
N LEU A 363 17.92 -13.62 11.02
CA LEU A 363 17.11 -13.00 12.04
C LEU A 363 17.75 -13.19 13.41
N PRO A 364 17.86 -12.12 14.21
CA PRO A 364 18.41 -12.26 15.56
C PRO A 364 17.51 -13.09 16.46
N VAL A 365 18.16 -13.83 17.35
CA VAL A 365 17.50 -14.67 18.34
C VAL A 365 18.03 -14.29 19.71
N TYR A 366 17.15 -14.29 20.70
CA TYR A 366 17.43 -13.85 22.06
C TYR A 366 17.07 -14.93 23.06
N THR A 367 17.66 -14.81 24.26
CA THR A 367 17.30 -15.69 25.35
C THR A 367 16.87 -14.82 26.51
N PRO A 368 16.26 -15.42 27.54
CA PRO A 368 15.86 -14.64 28.71
C PRO A 368 17.01 -14.05 29.50
N ALA A 369 18.24 -14.49 29.26
CA ALA A 369 19.41 -13.92 29.92
C ALA A 369 19.87 -12.64 29.26
N ASP A 370 19.37 -12.32 28.08
CA ASP A 370 19.78 -11.11 27.39
C ASP A 370 19.12 -9.88 28.00
N ALA A 371 19.75 -8.74 27.77
CA ALA A 371 19.27 -7.48 28.33
C ALA A 371 17.93 -7.06 27.74
N ALA A 372 17.23 -6.20 28.50
CA ALA A 372 16.03 -5.54 28.01
C ALA A 372 16.39 -4.59 26.87
N VAL A 373 15.51 -4.49 25.89
CA VAL A 373 15.72 -3.69 24.68
C VAL A 373 14.35 -3.16 24.26
N ALA A 374 14.28 -1.91 23.78
CA ALA A 374 13.03 -1.42 23.21
C ALA A 374 12.77 -2.12 21.89
N THR A 375 11.50 -2.36 21.55
CA THR A 375 11.28 -3.04 20.28
C THR A 375 11.63 -2.15 19.08
N ARG A 376 11.68 -0.82 19.21
CA ARG A 376 12.22 -0.03 18.10
C ARG A 376 13.69 -0.35 17.84
N LYS A 377 14.46 -0.58 18.91
CA LYS A 377 15.88 -0.91 18.78
C LYS A 377 16.06 -2.34 18.27
N LEU A 378 15.21 -3.26 18.75
CA LEU A 378 15.23 -4.61 18.21
C LEU A 378 14.97 -4.59 16.71
N SER A 379 14.04 -3.75 16.28
CA SER A 379 13.75 -3.57 14.86
C SER A 379 14.97 -3.07 14.09
N GLU A 380 15.67 -2.05 14.62
CA GLU A 380 16.91 -1.60 14.01
C GLU A 380 17.88 -2.75 13.82
N ILE A 381 18.03 -3.57 14.86
CA ILE A 381 18.98 -4.68 14.80
C ILE A 381 18.54 -5.68 13.73
N VAL A 382 17.25 -6.02 13.67
CA VAL A 382 16.78 -6.92 12.61
C VAL A 382 17.12 -6.36 11.24
N LEU A 383 16.77 -5.09 10.99
CA LEU A 383 17.01 -4.49 9.70
C LEU A 383 18.50 -4.55 9.36
N SER A 384 19.36 -4.30 10.35
N SER A 384 19.35 -4.30 10.37
CA SER A 384 20.78 -4.32 10.08
CA SER A 384 20.80 -4.33 10.18
C SER A 384 21.33 -5.70 9.75
C SER A 384 21.27 -5.70 9.70
N LYS A 385 20.62 -6.76 10.16
CA LYS A 385 21.02 -8.11 9.80
C LYS A 385 20.43 -8.55 8.47
N ILE A 386 19.20 -8.14 8.15
CA ILE A 386 18.53 -8.70 6.99
C ILE A 386 18.71 -7.86 5.74
N ILE A 387 18.92 -6.54 5.84
CA ILE A 387 19.14 -5.72 4.66
C ILE A 387 20.34 -6.23 3.86
N PRO A 388 21.48 -6.57 4.47
CA PRO A 388 22.60 -7.09 3.65
C PRO A 388 22.31 -8.43 3.00
N GLU A 389 21.35 -9.19 3.52
CA GLU A 389 21.01 -10.53 3.05
C GLU A 389 19.90 -10.56 2.01
N VAL A 390 19.08 -9.52 1.95
CA VAL A 390 17.89 -9.53 1.12
C VAL A 390 17.88 -8.23 0.31
N PRO A 391 18.39 -8.23 -0.92
CA PRO A 391 18.58 -6.96 -1.65
C PRO A 391 17.28 -6.27 -2.01
N GLU A 392 16.18 -7.02 -2.08
CA GLU A 392 14.90 -6.44 -2.43
C GLU A 392 14.24 -5.69 -1.26
N ILE A 393 14.87 -5.63 -0.08
CA ILE A 393 14.39 -4.75 0.97
C ILE A 393 14.93 -3.35 0.73
N ILE A 394 14.02 -2.38 0.63
CA ILE A 394 14.34 -0.96 0.69
C ILE A 394 13.29 -0.32 1.60
N GLY A 395 13.59 0.86 2.14
CA GLY A 395 12.58 1.52 2.94
C GLY A 395 13.07 2.86 3.40
N GLY A 396 12.30 3.49 4.28
CA GLY A 396 12.64 4.81 4.73
C GLY A 396 11.83 5.22 5.94
N SER A 397 11.86 6.52 6.22
CA SER A 397 11.09 7.10 7.32
C SER A 397 10.61 8.47 6.91
N ALA A 398 9.49 8.85 7.51
CA ALA A 398 8.90 10.17 7.32
C ALA A 398 9.50 11.17 8.32
N ASP A 399 10.78 11.51 8.10
CA ASP A 399 11.51 12.44 8.94
C ASP A 399 11.65 11.99 10.37
N LEU A 400 11.72 10.67 10.61
CA LEU A 400 11.88 10.14 11.95
C LEU A 400 12.97 9.09 11.99
N THR A 401 13.97 9.20 11.13
CA THR A 401 15.02 8.18 11.06
C THR A 401 15.71 7.93 12.40
N PRO A 402 16.14 8.94 13.16
CA PRO A 402 16.83 8.66 14.43
C PRO A 402 15.91 8.30 15.57
N SER A 403 14.59 8.35 15.36
N SER A 403 14.60 8.36 15.33
CA SER A 403 13.61 7.96 16.37
CA SER A 403 13.60 8.01 16.32
C SER A 403 13.04 6.58 16.07
C SER A 403 12.98 6.65 16.07
N ASN A 404 12.69 6.34 14.81
CA ASN A 404 12.18 5.04 14.41
C ASN A 404 13.30 3.98 14.32
N LEU A 405 14.53 4.44 14.07
CA LEU A 405 15.71 3.57 13.97
C LEU A 405 15.64 2.65 12.75
N THR A 406 15.27 3.24 11.60
CA THR A 406 14.94 2.53 10.39
C THR A 406 16.07 2.40 9.37
N LYS A 407 17.21 3.05 9.59
CA LYS A 407 18.32 2.99 8.63
C LYS A 407 19.41 2.09 9.17
N ALA A 408 19.84 1.13 8.35
CA ALA A 408 20.99 0.30 8.71
C ALA A 408 22.28 1.07 8.48
N LYS A 409 23.18 1.04 9.47
CA LYS A 409 24.48 1.67 9.29
C LYS A 409 25.19 1.07 8.07
N GLY A 410 25.84 1.92 7.29
CA GLY A 410 26.58 1.45 6.13
C GLY A 410 25.78 1.39 4.86
N THR A 411 24.51 1.80 4.89
CA THR A 411 23.75 1.94 3.66
C THR A 411 23.72 3.39 3.22
N VAL A 412 23.43 3.57 1.95
CA VAL A 412 23.36 4.89 1.35
C VAL A 412 21.91 5.21 1.04
N ASP A 413 21.62 6.50 1.06
CA ASP A 413 20.28 6.95 0.77
C ASP A 413 19.99 6.89 -0.72
N PHE A 414 18.71 6.62 -1.02
CA PHE A 414 18.18 6.76 -2.37
C PHE A 414 18.02 8.24 -2.67
N GLN A 415 18.90 8.77 -3.51
CA GLN A 415 18.87 10.16 -3.96
C GLN A 415 19.43 10.16 -5.36
N PRO A 416 19.10 11.16 -6.17
CA PRO A 416 19.84 11.31 -7.44
C PRO A 416 21.28 11.66 -7.12
N ALA A 417 22.21 11.00 -7.81
CA ALA A 417 23.63 11.26 -7.59
C ALA A 417 23.99 12.72 -7.78
N ALA A 418 23.25 13.44 -8.63
CA ALA A 418 23.56 14.85 -8.86
C ALA A 418 23.53 15.67 -7.57
N THR A 419 22.80 15.22 -6.57
CA THR A 419 22.71 15.94 -5.30
C THR A 419 23.92 15.73 -4.41
N GLY A 420 24.69 14.66 -4.65
CA GLY A 420 25.77 14.28 -3.74
C GLY A 420 25.31 13.64 -2.44
N LEU A 421 24.01 13.44 -2.26
CA LEU A 421 23.44 13.02 -0.98
C LEU A 421 23.11 11.53 -0.93
N GLY A 422 23.30 10.83 -2.04
CA GLY A 422 22.92 9.44 -2.17
C GLY A 422 23.09 9.03 -3.61
N ASP A 423 22.45 7.92 -3.97
CA ASP A 423 22.50 7.42 -5.34
C ASP A 423 21.21 6.65 -5.57
N TYR A 424 20.83 6.45 -6.83
CA TYR A 424 19.64 5.64 -7.09
C TYR A 424 19.82 4.19 -6.68
N SER A 425 21.07 3.71 -6.54
CA SER A 425 21.28 2.37 -6.00
C SER A 425 21.07 2.29 -4.51
N GLY A 426 20.87 3.42 -3.85
CA GLY A 426 20.68 3.45 -2.41
C GLY A 426 19.42 2.73 -1.99
N ARG A 427 19.37 2.45 -0.69
CA ARG A 427 18.33 1.60 -0.12
C ARG A 427 17.48 2.27 0.93
N TYR A 428 17.79 3.52 1.27
CA TYR A 428 17.12 4.22 2.37
C TYR A 428 16.51 5.51 1.84
N ILE A 429 15.22 5.68 2.05
CA ILE A 429 14.47 6.80 1.48
C ILE A 429 14.13 7.82 2.57
N ARG A 430 14.51 9.06 2.32
CA ARG A 430 14.16 10.19 3.19
C ARG A 430 12.84 10.74 2.69
N TYR A 431 11.73 10.27 3.29
CA TYR A 431 10.42 10.67 2.81
C TYR A 431 10.05 12.09 3.23
N GLY A 432 10.73 12.67 4.21
CA GLY A 432 10.27 13.93 4.78
C GLY A 432 8.97 13.71 5.55
N VAL A 433 8.33 14.83 5.98
CA VAL A 433 7.16 14.73 6.87
C VAL A 433 5.90 14.53 6.02
N ARG A 434 5.79 13.30 5.46
CA ARG A 434 4.89 13.02 4.36
C ARG A 434 4.32 11.60 4.54
N GLU A 435 3.62 11.34 5.65
CA GLU A 435 3.22 9.96 5.93
C GLU A 435 2.29 9.41 4.87
N HIS A 436 1.30 10.21 4.46
CA HIS A 436 0.31 9.71 3.52
C HIS A 436 0.95 9.34 2.19
N ALA A 437 1.77 10.25 1.65
CA ALA A 437 2.46 9.91 0.42
C ALA A 437 3.41 8.76 0.61
N MET A 438 4.10 8.69 1.75
CA MET A 438 4.95 7.52 2.00
C MET A 438 4.13 6.24 1.86
N GLY A 439 2.94 6.22 2.46
CA GLY A 439 2.11 5.03 2.35
C GLY A 439 1.74 4.66 0.92
N ALA A 440 1.37 5.67 0.13
CA ALA A 440 0.98 5.41 -1.24
C ALA A 440 2.19 5.12 -2.15
N ILE A 441 3.33 5.75 -1.88
CA ILE A 441 4.56 5.42 -2.57
C ILE A 441 4.97 4.00 -2.27
N MET A 442 4.85 3.55 -1.01
CA MET A 442 5.13 2.16 -0.68
C MET A 442 4.29 1.22 -1.53
N ASN A 443 3.00 1.55 -1.71
CA ASN A 443 2.15 0.74 -2.55
C ASN A 443 2.67 0.68 -3.97
N GLY A 444 3.14 1.81 -4.51
CA GLY A 444 3.72 1.80 -5.84
C GLY A 444 5.01 1.00 -5.95
N ILE A 445 5.87 1.06 -4.94
CA ILE A 445 7.09 0.23 -4.94
C ILE A 445 6.71 -1.24 -4.97
N ALA A 446 5.73 -1.65 -4.14
CA ALA A 446 5.25 -3.01 -4.17
C ALA A 446 4.68 -3.38 -5.53
N ALA A 447 3.91 -2.46 -6.12
CA ALA A 447 3.28 -2.68 -7.41
C ALA A 447 4.30 -2.87 -8.52
N PHE A 448 5.47 -2.23 -8.42
CA PHE A 448 6.51 -2.43 -9.43
C PHE A 448 6.79 -3.92 -9.60
N GLY A 449 6.86 -4.63 -8.47
CA GLY A 449 7.13 -6.06 -8.48
C GLY A 449 8.58 -6.37 -8.14
N ALA A 450 9.15 -7.36 -8.82
CA ALA A 450 10.52 -7.77 -8.58
C ALA A 450 10.77 -8.11 -7.10
N ASN A 451 9.73 -8.60 -6.43
CA ASN A 451 9.82 -9.03 -5.04
C ASN A 451 10.19 -7.93 -4.06
N TYR A 452 10.00 -6.64 -4.43
CA TYR A 452 10.33 -5.59 -3.46
C TYR A 452 9.54 -5.78 -2.17
N LYS A 453 10.26 -5.71 -1.06
CA LYS A 453 9.72 -5.80 0.30
C LYS A 453 10.09 -4.48 0.96
N ASN A 454 9.16 -3.51 0.94
CA ASN A 454 9.54 -2.16 1.31
C ASN A 454 8.78 -1.69 2.54
N TYR A 455 9.42 -0.75 3.26
CA TYR A 455 8.92 -0.35 4.56
C TYR A 455 9.01 1.17 4.72
N GLY A 456 8.25 1.64 5.71
CA GLY A 456 8.17 3.07 5.99
C GLY A 456 7.97 3.28 7.47
N GLY A 457 8.81 4.13 8.06
CA GLY A 457 8.73 4.43 9.48
C GLY A 457 8.02 5.74 9.80
N THR A 458 7.22 5.68 10.86
CA THR A 458 6.73 6.88 11.53
C THR A 458 6.30 6.48 12.94
N PHE A 459 5.86 7.45 13.74
CA PHE A 459 5.22 7.10 14.99
C PHE A 459 3.87 6.47 14.71
N LEU A 460 3.51 5.45 15.50
CA LEU A 460 2.25 4.76 15.28
C LEU A 460 1.07 5.73 15.17
N ASN A 461 1.02 6.75 16.03
CA ASN A 461 -0.13 7.63 15.99
C ASN A 461 -0.29 8.36 14.68
N PHE A 462 0.80 8.55 13.93
CA PHE A 462 0.75 9.26 12.67
C PHE A 462 0.67 8.34 11.46
N VAL A 463 0.64 7.02 11.66
CA VAL A 463 0.20 6.14 10.57
C VAL A 463 -1.21 6.54 10.16
N SER A 464 -1.98 7.07 11.12
CA SER A 464 -3.34 7.50 10.85
C SER A 464 -3.44 8.59 9.79
N TYR A 465 -2.39 9.42 9.64
CA TYR A 465 -2.35 10.42 8.58
C TYR A 465 -2.43 9.77 7.19
N ALA A 466 -2.02 8.51 7.10
CA ALA A 466 -1.91 7.77 5.86
C ALA A 466 -3.01 6.73 5.69
N ALA A 467 -4.09 6.82 6.48
CA ALA A 467 -5.14 5.82 6.42
C ALA A 467 -5.65 5.57 5.00
N GLY A 468 -5.78 6.62 4.19
CA GLY A 468 -6.29 6.41 2.83
C GLY A 468 -5.46 5.37 2.06
N ALA A 469 -4.14 5.50 2.16
CA ALA A 469 -3.22 4.59 1.49
C ALA A 469 -3.13 3.23 2.19
N VAL A 470 -3.13 3.22 3.52
CA VAL A 470 -3.03 1.95 4.25
C VAL A 470 -4.18 1.02 3.88
N ARG A 471 -5.40 1.58 3.82
CA ARG A 471 -6.53 0.76 3.47
C ARG A 471 -6.37 0.18 2.08
N LEU A 472 -5.81 0.97 1.17
CA LEU A 472 -5.54 0.48 -0.18
C LEU A 472 -4.43 -0.56 -0.20
N SER A 473 -3.46 -0.52 0.72
CA SER A 473 -2.51 -1.62 0.80
C SER A 473 -3.23 -2.94 1.06
N ALA A 474 -4.21 -2.89 1.96
CA ALA A 474 -4.98 -4.07 2.33
C ALA A 474 -5.86 -4.55 1.18
N LEU A 475 -6.58 -3.64 0.52
CA LEU A 475 -7.47 -4.00 -0.59
C LEU A 475 -6.67 -4.48 -1.80
N SER A 476 -5.49 -3.90 -2.01
CA SER A 476 -4.62 -4.24 -3.15
C SER A 476 -3.76 -5.47 -2.90
N GLU A 477 -3.72 -5.94 -1.66
CA GLU A 477 -2.94 -7.10 -1.28
C GLU A 477 -1.45 -6.89 -1.50
N PHE A 478 -0.95 -5.73 -1.09
CA PHE A 478 0.47 -5.43 -1.22
C PHE A 478 1.22 -5.67 0.08
N PRO A 479 2.38 -6.35 -0.01
CA PRO A 479 3.19 -6.67 1.18
C PRO A 479 4.13 -5.51 1.51
N ILE A 480 3.54 -4.43 1.98
CA ILE A 480 4.25 -3.28 2.50
C ILE A 480 4.31 -3.39 4.01
N THR A 481 5.24 -2.65 4.63
CA THR A 481 5.42 -2.71 6.08
C THR A 481 5.59 -1.31 6.66
N TRP A 482 4.79 -1.02 7.67
CA TRP A 482 4.95 0.18 8.48
C TRP A 482 5.75 -0.16 9.73
N VAL A 483 6.82 0.60 9.95
CA VAL A 483 7.66 0.47 11.14
C VAL A 483 7.18 1.60 12.07
N ALA A 484 6.25 1.25 12.95
CA ALA A 484 5.38 2.22 13.62
C ALA A 484 5.77 2.28 15.10
N THR A 485 6.73 3.16 15.41
CA THR A 485 7.32 3.16 16.73
C THR A 485 6.56 4.09 17.68
N HIS A 486 6.98 4.09 18.94
CA HIS A 486 6.37 4.97 19.94
C HIS A 486 4.89 4.66 20.06
N ASP A 487 4.62 3.37 20.36
CA ASP A 487 3.30 2.80 20.15
C ASP A 487 2.23 3.18 21.18
N SER A 488 2.56 3.79 22.31
CA SER A 488 1.57 3.91 23.37
C SER A 488 1.95 5.05 24.30
N ILE A 489 1.19 5.17 25.40
CA ILE A 489 1.58 6.00 26.53
C ILE A 489 3.00 5.73 27.02
N GLY A 490 3.58 4.57 26.69
CA GLY A 490 4.98 4.32 27.00
C GLY A 490 5.95 5.32 26.41
N LEU A 491 5.52 6.11 25.41
CA LEU A 491 6.38 7.16 24.89
C LEU A 491 6.54 8.31 25.87
N GLY A 492 5.60 8.50 26.80
CA GLY A 492 5.80 9.50 27.84
C GLY A 492 5.45 10.94 27.47
N GLU A 493 6.47 11.79 27.53
CA GLU A 493 6.28 13.23 27.68
C GLU A 493 5.63 13.92 26.49
N ASP A 494 5.77 13.40 25.27
CA ASP A 494 5.13 14.08 24.15
C ASP A 494 3.62 14.14 24.32
N GLY A 495 3.01 13.24 25.08
CA GLY A 495 1.65 13.45 25.51
C GLY A 495 0.58 12.95 24.55
N PRO A 496 -0.67 13.32 24.84
CA PRO A 496 -1.82 12.65 24.21
C PRO A 496 -1.96 12.89 22.71
N THR A 497 -1.40 13.97 22.18
CA THR A 497 -1.43 14.18 20.72
C THR A 497 -0.56 13.17 19.98
N HIS A 498 0.32 12.47 20.70
CA HIS A 498 1.23 11.50 20.12
C HIS A 498 0.93 10.06 20.51
N GLN A 499 0.08 9.82 21.51
CA GLN A 499 -0.10 8.51 22.12
C GLN A 499 -1.30 7.79 21.52
N PRO A 500 -1.08 6.69 20.79
CA PRO A 500 -2.20 5.94 20.20
C PRO A 500 -3.17 5.41 21.24
N ILE A 501 -4.45 5.44 20.85
CA ILE A 501 -5.54 4.82 21.62
C ILE A 501 -6.36 3.93 20.72
N GLU A 502 -6.85 4.51 19.63
CA GLU A 502 -7.75 3.89 18.67
C GLU A 502 -7.02 3.18 17.52
N THR A 503 -5.71 3.39 17.40
CA THR A 503 -5.02 3.14 16.14
C THR A 503 -4.98 1.65 15.80
N LEU A 504 -4.62 0.81 16.78
CA LEU A 504 -4.60 -0.62 16.49
C LEU A 504 -5.98 -1.17 16.20
N ALA A 505 -7.00 -0.68 16.90
CA ALA A 505 -8.36 -1.14 16.64
C ALA A 505 -8.76 -0.81 15.21
N HIS A 506 -8.44 0.41 14.76
CA HIS A 506 -8.75 0.85 13.41
C HIS A 506 -8.16 -0.13 12.38
N PHE A 507 -6.86 -0.39 12.50
CA PHE A 507 -6.21 -1.23 11.48
C PHE A 507 -6.54 -2.70 11.63
N ARG A 508 -6.72 -3.19 12.86
CA ARG A 508 -7.17 -4.57 13.06
C ARG A 508 -8.58 -4.79 12.50
N ALA A 509 -9.43 -3.76 12.52
CA ALA A 509 -10.79 -3.84 11.98
C ALA A 509 -10.81 -3.75 10.47
N THR A 510 -9.69 -3.36 9.85
CA THR A 510 -9.59 -3.33 8.40
C THR A 510 -9.26 -4.72 7.92
N PRO A 511 -9.97 -5.26 6.93
CA PRO A 511 -9.60 -6.60 6.42
C PRO A 511 -8.15 -6.60 5.93
N ASN A 512 -7.49 -7.74 6.13
CA ASN A 512 -6.19 -8.01 5.50
C ASN A 512 -5.08 -7.06 5.92
N ILE A 513 -5.02 -6.73 7.23
CA ILE A 513 -3.85 -6.06 7.79
C ILE A 513 -3.32 -6.85 8.97
N SER A 514 -2.06 -7.29 8.86
CA SER A 514 -1.34 -7.91 9.95
CA SER A 514 -1.36 -7.90 9.98
C SER A 514 -0.80 -6.80 10.86
N VAL A 515 -1.21 -6.78 12.12
CA VAL A 515 -0.83 -5.73 13.06
C VAL A 515 -0.03 -6.41 14.18
N TRP A 516 1.29 -6.40 14.02
CA TRP A 516 2.19 -7.04 14.97
C TRP A 516 2.54 -6.07 16.06
N ARG A 517 2.49 -6.53 17.30
CA ARG A 517 2.87 -5.73 18.46
C ARG A 517 3.80 -6.60 19.30
N PRO A 518 5.04 -6.76 18.85
CA PRO A 518 5.92 -7.76 19.49
C PRO A 518 6.32 -7.34 20.89
N ALA A 519 6.48 -8.33 21.76
CA ALA A 519 6.80 -8.08 23.14
C ALA A 519 8.29 -8.05 23.43
N ASP A 520 9.12 -8.66 22.59
CA ASP A 520 10.52 -8.83 22.93
C ASP A 520 11.31 -9.14 21.67
N GLY A 521 12.57 -9.53 21.86
CA GLY A 521 13.45 -9.76 20.72
C GLY A 521 12.97 -10.88 19.81
N ASN A 522 12.60 -12.03 20.38
CA ASN A 522 12.18 -13.13 19.50
C ASN A 522 10.89 -12.79 18.77
N GLU A 523 9.95 -12.11 19.46
CA GLU A 523 8.72 -11.75 18.77
C GLU A 523 8.96 -10.73 17.68
N THR A 524 9.92 -9.82 17.87
CA THR A 524 10.23 -8.83 16.83
C THR A 524 10.80 -9.50 15.59
N SER A 525 11.65 -10.53 15.79
CA SER A 525 12.12 -11.29 14.65
C SER A 525 10.99 -12.04 13.94
N ALA A 526 10.06 -12.62 14.69
CA ALA A 526 8.90 -13.25 14.06
C ALA A 526 8.08 -12.25 13.25
N ALA A 527 7.91 -11.03 13.79
CA ALA A 527 7.12 -10.03 13.07
C ALA A 527 7.77 -9.70 11.74
N TYR A 528 9.09 -9.52 11.73
CA TYR A 528 9.78 -9.27 10.47
C TYR A 528 9.75 -10.48 9.56
N LYS A 529 9.86 -11.69 10.09
CA LYS A 529 9.76 -12.85 9.22
C LYS A 529 8.45 -12.83 8.47
N SER A 530 7.36 -12.53 9.19
CA SER A 530 6.04 -12.44 8.56
C SER A 530 5.99 -11.31 7.54
N ALA A 531 6.50 -10.13 7.91
CA ALA A 531 6.40 -8.97 7.03
C ALA A 531 7.16 -9.16 5.74
N ILE A 532 8.35 -9.76 5.80
CA ILE A 532 9.20 -9.93 4.62
C ILE A 532 8.72 -11.10 3.77
N GLU A 533 8.22 -12.18 4.40
CA GLU A 533 7.68 -13.30 3.63
C GLU A 533 6.34 -12.99 2.99
N SER A 534 5.64 -11.97 3.47
CA SER A 534 4.33 -11.65 2.95
C SER A 534 4.38 -11.44 1.45
N THR A 535 3.33 -11.92 0.77
CA THR A 535 3.12 -11.60 -0.62
C THR A 535 1.77 -10.90 -0.86
N HIS A 536 0.83 -10.98 0.09
CA HIS A 536 -0.51 -10.45 -0.17
C HIS A 536 -1.08 -9.67 1.00
N THR A 537 -0.29 -9.42 2.06
CA THR A 537 -0.85 -8.81 3.27
C THR A 537 0.05 -7.73 3.81
N PRO A 538 -0.41 -6.47 3.88
CA PRO A 538 0.41 -5.45 4.49
C PRO A 538 0.54 -5.66 6.00
N HIS A 539 1.66 -5.17 6.52
CA HIS A 539 2.00 -5.30 7.93
C HIS A 539 2.21 -3.93 8.57
N ILE A 540 1.75 -3.81 9.81
CA ILE A 540 2.08 -2.69 10.67
C ILE A 540 2.76 -3.28 11.88
N LEU A 541 3.99 -2.84 12.17
CA LEU A 541 4.74 -3.28 13.33
CA LEU A 541 4.76 -3.28 13.33
C LEU A 541 4.71 -2.17 14.37
N ALA A 542 3.97 -2.40 15.45
CA ALA A 542 3.81 -1.45 16.54
C ALA A 542 4.92 -1.69 17.56
N LEU A 543 5.81 -0.72 17.69
CA LEU A 543 7.09 -0.88 18.38
C LEU A 543 7.22 0.16 19.48
N THR A 544 7.97 -0.17 20.53
CA THR A 544 8.06 0.67 21.72
C THR A 544 9.19 1.66 21.66
N ARG A 545 8.96 2.78 22.35
CA ARG A 545 10.04 3.66 22.73
C ARG A 545 10.87 3.03 23.84
N GLN A 546 10.21 2.44 24.82
CA GLN A 546 10.79 2.01 26.08
C GLN A 546 11.30 0.58 26.06
N ASN A 547 12.27 0.29 26.92
CA ASN A 547 12.86 -1.04 27.00
C ASN A 547 11.88 -2.07 27.56
N LEU A 548 11.96 -3.30 27.04
CA LEU A 548 11.17 -4.43 27.50
C LEU A 548 12.08 -5.63 27.73
N PRO A 549 11.77 -6.46 28.73
CA PRO A 549 12.63 -7.63 29.00
C PRO A 549 12.44 -8.72 27.96
N GLN A 550 13.50 -9.53 27.80
CA GLN A 550 13.37 -10.78 27.04
C GLN A 550 12.54 -11.77 27.83
N LEU A 551 11.54 -12.38 27.20
CA LEU A 551 10.59 -13.22 27.92
C LEU A 551 11.02 -14.67 27.99
N GLU A 552 10.82 -15.26 29.17
CA GLU A 552 10.91 -16.71 29.29
C GLU A 552 9.75 -17.35 28.54
N GLY A 553 10.05 -18.17 27.54
CA GLY A 553 9.04 -18.86 26.78
C GLY A 553 8.81 -18.34 25.37
N SER A 554 9.43 -17.20 24.99
CA SER A 554 9.24 -16.72 23.64
C SER A 554 10.23 -17.38 22.68
N SER A 555 9.84 -17.43 21.42
CA SER A 555 10.69 -17.91 20.35
C SER A 555 10.11 -17.40 19.04
N ILE A 556 10.96 -17.38 18.01
CA ILE A 556 10.44 -17.09 16.68
C ILE A 556 9.37 -18.10 16.29
N GLU A 557 9.64 -19.39 16.54
CA GLU A 557 8.70 -20.43 16.16
C GLU A 557 7.32 -20.18 16.76
N LYS A 558 7.25 -19.96 18.08
CA LYS A 558 5.91 -19.81 18.68
C LYS A 558 5.27 -18.49 18.26
N ALA A 559 6.05 -17.41 18.23
CA ALA A 559 5.47 -16.11 17.89
C ALA A 559 4.97 -16.08 16.44
N SER A 560 5.55 -16.91 15.57
N SER A 560 5.56 -16.92 15.58
CA SER A 560 5.11 -16.96 14.18
CA SER A 560 5.13 -17.00 14.18
C SER A 560 3.70 -17.51 14.02
C SER A 560 3.69 -17.46 14.04
N LYS A 561 3.12 -18.08 15.08
CA LYS A 561 1.72 -18.48 15.07
C LYS A 561 0.77 -17.33 15.36
N GLY A 562 1.30 -16.14 15.65
CA GLY A 562 0.47 -14.96 15.89
C GLY A 562 -0.02 -14.84 17.32
N GLY A 563 -0.37 -15.96 17.93
CA GLY A 563 -0.72 -16.04 19.34
C GLY A 563 -0.23 -17.37 19.87
N TYR A 564 0.24 -17.38 21.11
CA TYR A 564 0.79 -18.61 21.66
C TYR A 564 0.73 -18.53 23.19
N THR A 565 0.79 -19.71 23.79
CA THR A 565 0.84 -19.82 25.24
C THR A 565 2.27 -19.55 25.69
N LEU A 566 2.46 -18.44 26.40
CA LEU A 566 3.76 -18.07 26.93
C LEU A 566 4.03 -18.79 28.25
N VAL A 567 3.08 -18.72 29.17
CA VAL A 567 3.12 -19.40 30.45
C VAL A 567 1.91 -20.31 30.51
N GLN A 568 2.15 -21.63 30.47
CA GLN A 568 1.09 -22.63 30.59
C GLN A 568 0.85 -22.93 32.06
N GLN A 569 -0.41 -22.91 32.46
CA GLN A 569 -0.79 -23.25 33.81
C GLN A 569 -1.97 -24.22 33.72
N ASP A 570 -1.69 -25.51 33.94
CA ASP A 570 -2.74 -26.50 33.81
C ASP A 570 -3.88 -26.33 34.81
N LYS A 571 -3.65 -25.69 35.94
CA LYS A 571 -4.79 -25.47 36.83
C LYS A 571 -5.18 -24.00 36.88
N ALA A 572 -5.21 -23.36 35.73
CA ALA A 572 -5.39 -21.91 35.74
C ALA A 572 -6.76 -21.54 36.25
N ASP A 573 -6.76 -20.54 37.12
CA ASP A 573 -8.00 -19.85 37.48
C ASP A 573 -8.35 -18.77 36.46
N ILE A 574 -7.35 -18.31 35.71
CA ILE A 574 -7.55 -17.24 34.72
C ILE A 574 -6.39 -17.34 33.74
N ILE A 575 -6.63 -16.93 32.50
CA ILE A 575 -5.57 -16.70 31.53
C ILE A 575 -5.57 -15.20 31.22
N ILE A 576 -4.37 -14.61 31.23
CA ILE A 576 -4.19 -13.23 30.80
C ILE A 576 -3.61 -13.22 29.41
N VAL A 577 -4.32 -12.61 28.47
CA VAL A 577 -3.84 -12.45 27.09
C VAL A 577 -3.38 -11.01 26.91
N ALA A 578 -2.20 -10.82 26.35
CA ALA A 578 -1.62 -9.49 26.25
C ALA A 578 -0.77 -9.40 24.99
N THR A 579 -0.38 -8.17 24.66
CA THR A 579 0.49 -7.89 23.54
C THR A 579 1.60 -6.96 23.97
N GLY A 580 2.69 -6.98 23.20
CA GLY A 580 3.69 -5.94 23.31
C GLY A 580 4.18 -5.74 24.71
N SER A 581 4.26 -4.46 25.09
CA SER A 581 4.73 -4.07 26.40
C SER A 581 3.89 -4.64 27.54
N GLU A 582 2.64 -5.07 27.29
CA GLU A 582 1.83 -5.57 28.36
C GLU A 582 2.04 -7.06 28.64
N VAL A 583 2.81 -7.77 27.82
CA VAL A 583 3.08 -9.18 28.14
C VAL A 583 3.94 -9.29 29.39
N SER A 584 5.01 -8.49 29.46
CA SER A 584 5.84 -8.48 30.66
C SER A 584 5.04 -8.06 31.88
N LEU A 585 4.12 -7.10 31.71
CA LEU A 585 3.23 -6.70 32.77
C LEU A 585 2.38 -7.88 33.26
N ALA A 586 1.82 -8.65 32.33
CA ALA A 586 1.04 -9.83 32.68
C ALA A 586 1.87 -10.84 33.45
N VAL A 587 3.11 -11.08 33.02
CA VAL A 587 3.98 -12.02 33.73
C VAL A 587 4.23 -11.52 35.15
N ASP A 588 4.45 -10.22 35.33
CA ASP A 588 4.63 -9.70 36.69
C ASP A 588 3.33 -9.80 37.50
N ALA A 589 2.18 -9.58 36.86
CA ALA A 589 0.90 -9.77 37.54
C ALA A 589 0.68 -11.20 38.00
N LEU A 590 1.13 -12.18 37.20
CA LEU A 590 1.02 -13.58 37.59
C LEU A 590 1.67 -13.80 38.94
N LYS A 591 2.83 -13.18 39.17
CA LYS A 591 3.52 -13.32 40.46
C LYS A 591 2.71 -12.72 41.61
N VAL A 592 2.12 -11.54 41.41
CA VAL A 592 1.25 -10.94 42.43
C VAL A 592 0.07 -11.86 42.71
N LEU A 593 -0.54 -12.40 41.66
CA LEU A 593 -1.69 -13.26 41.82
C LEU A 593 -1.36 -14.52 42.60
N GLU A 594 -0.18 -15.07 42.39
CA GLU A 594 0.21 -16.24 43.18
C GLU A 594 0.19 -15.96 44.68
N GLY A 595 0.59 -14.76 45.09
CA GLY A 595 0.54 -14.35 46.49
C GLY A 595 -0.87 -14.19 47.02
N GLN A 596 -1.84 -14.02 46.13
CA GLN A 596 -3.26 -13.93 46.44
C GLN A 596 -3.96 -15.27 46.31
N GLY A 597 -3.22 -16.35 45.98
CA GLY A 597 -3.81 -17.66 45.82
C GLY A 597 -4.47 -17.93 44.49
N ILE A 598 -4.14 -17.17 43.45
CA ILE A 598 -4.76 -17.30 42.14
C ILE A 598 -3.67 -17.72 41.15
N LYS A 599 -3.95 -18.79 40.40
CA LYS A 599 -3.00 -19.31 39.41
C LYS A 599 -3.40 -18.79 38.02
N ALA A 600 -2.48 -18.12 37.35
CA ALA A 600 -2.76 -17.59 36.03
C ALA A 600 -1.84 -18.20 34.99
N GLY A 601 -2.36 -18.31 33.77
CA GLY A 601 -1.55 -18.49 32.59
C GLY A 601 -1.41 -17.18 31.83
N VAL A 602 -0.44 -17.12 30.90
CA VAL A 602 -0.23 -15.96 30.05
C VAL A 602 -0.18 -16.40 28.59
N VAL A 603 -0.94 -15.70 27.75
CA VAL A 603 -0.90 -15.80 26.30
C VAL A 603 -0.33 -14.50 25.74
N SER A 604 0.60 -14.62 24.80
CA SER A 604 1.07 -13.49 24.03
C SER A 604 0.43 -13.55 22.65
N LEU A 605 -0.12 -12.41 22.20
CA LEU A 605 -0.89 -12.35 20.95
C LEU A 605 -0.27 -11.29 20.03
N PRO A 606 0.97 -11.53 19.56
CA PRO A 606 1.65 -10.49 18.78
C PRO A 606 0.96 -10.13 17.48
N ASP A 607 0.21 -11.01 16.82
CA ASP A 607 -0.59 -10.59 15.65
C ASP A 607 -1.90 -11.33 15.63
N GLN A 608 -2.98 -10.58 15.79
CA GLN A 608 -4.32 -11.15 15.77
C GLN A 608 -4.66 -11.78 14.41
N LEU A 609 -4.26 -11.17 13.30
CA LEU A 609 -4.61 -11.75 12.00
C LEU A 609 -3.94 -13.10 11.80
N THR A 610 -2.63 -13.16 12.05
CA THR A 610 -1.93 -14.44 11.92
C THR A 610 -2.56 -15.48 12.83
N PHE A 611 -2.87 -15.09 14.07
CA PHE A 611 -3.51 -16.04 14.99
C PHE A 611 -4.83 -16.55 14.43
N ASP A 612 -5.66 -15.64 13.93
CA ASP A 612 -6.97 -16.00 13.40
C ASP A 612 -6.86 -17.03 12.28
N LYS A 613 -5.77 -16.98 11.51
CA LYS A 613 -5.58 -17.88 10.38
C LYS A 613 -5.10 -19.27 10.80
N GLN A 614 -4.75 -19.48 12.07
CA GLN A 614 -4.35 -20.81 12.52
C GLN A 614 -5.56 -21.74 12.60
N SER A 615 -5.30 -23.03 12.76
CA SER A 615 -6.39 -23.98 12.85
C SER A 615 -7.22 -23.74 14.11
N GLU A 616 -8.47 -24.19 14.05
CA GLU A 616 -9.36 -24.05 15.20
C GLU A 616 -8.79 -24.77 16.42
N GLU A 617 -8.21 -25.95 16.20
CA GLU A 617 -7.62 -26.70 17.31
C GLU A 617 -6.45 -25.95 17.92
N TYR A 618 -5.55 -25.39 17.08
CA TYR A 618 -4.44 -24.61 17.63
C TYR A 618 -4.97 -23.43 18.45
N LYS A 619 -5.94 -22.70 17.89
CA LYS A 619 -6.45 -21.52 18.59
C LYS A 619 -7.06 -21.89 19.94
N LEU A 620 -7.83 -22.99 19.98
CA LEU A 620 -8.42 -23.45 21.24
C LEU A 620 -7.38 -23.92 22.24
N SER A 621 -6.21 -24.39 21.76
CA SER A 621 -5.14 -24.76 22.68
C SER A 621 -4.57 -23.54 23.38
N VAL A 622 -4.68 -22.37 22.76
CA VAL A 622 -4.20 -21.12 23.33
C VAL A 622 -5.27 -20.46 24.20
N LEU A 623 -6.53 -20.50 23.73
CA LEU A 623 -7.68 -19.88 24.42
C LEU A 623 -8.72 -20.97 24.65
N PRO A 624 -8.51 -21.83 25.65
CA PRO A 624 -9.39 -22.98 25.82
C PRO A 624 -10.72 -22.59 26.46
N ASP A 625 -11.67 -23.52 26.40
CA ASP A 625 -12.89 -23.45 27.19
C ASP A 625 -12.57 -23.63 28.68
N GLY A 626 -13.51 -23.20 29.54
CA GLY A 626 -13.48 -23.56 30.95
C GLY A 626 -12.64 -22.67 31.83
N VAL A 627 -12.20 -21.52 31.33
CA VAL A 627 -11.35 -20.65 32.13
C VAL A 627 -11.59 -19.19 31.72
N PRO A 628 -11.80 -18.29 32.67
CA PRO A 628 -11.94 -16.88 32.29
C PRO A 628 -10.65 -16.35 31.68
N ILE A 629 -10.81 -15.46 30.71
CA ILE A 629 -9.69 -14.86 30.00
C ILE A 629 -9.82 -13.33 30.09
N LEU A 630 -8.75 -12.69 30.54
CA LEU A 630 -8.66 -11.23 30.65
C LEU A 630 -7.62 -10.72 29.66
N SER A 631 -7.99 -9.75 28.82
CA SER A 631 -7.00 -9.10 27.96
C SER A 631 -6.40 -7.88 28.64
N VAL A 632 -5.14 -7.59 28.31
CA VAL A 632 -4.43 -6.43 28.80
C VAL A 632 -3.62 -5.82 27.65
N GLU A 633 -3.95 -4.57 27.30
CA GLU A 633 -3.26 -3.84 26.24
C GLU A 633 -3.60 -2.38 26.48
N VAL A 634 -2.60 -1.49 26.51
CA VAL A 634 -2.79 -0.10 26.97
CA VAL A 634 -2.79 -0.13 26.97
C VAL A 634 -3.34 0.80 25.87
N MET A 635 -4.39 0.32 25.20
N MET A 635 -4.42 0.36 25.24
CA MET A 635 -5.05 0.97 24.07
CA MET A 635 -5.14 1.17 24.26
C MET A 635 -6.52 0.57 24.13
C MET A 635 -6.54 0.56 24.12
N SER A 636 -7.27 0.92 23.08
CA SER A 636 -8.68 0.60 23.00
C SER A 636 -8.96 -0.88 23.26
N THR A 637 -10.07 -1.15 23.95
CA THR A 637 -10.54 -2.53 24.11
C THR A 637 -11.28 -3.07 22.90
N PHE A 638 -11.51 -2.29 21.85
CA PHE A 638 -12.22 -2.81 20.70
C PHE A 638 -11.49 -4.00 20.07
N GLY A 639 -12.26 -5.00 19.68
CA GLY A 639 -11.71 -6.21 19.09
C GLY A 639 -11.38 -7.30 20.10
N TRP A 640 -11.07 -6.90 21.33
CA TRP A 640 -10.47 -7.84 22.26
C TRP A 640 -11.44 -8.90 22.75
N SER A 641 -12.76 -8.67 22.65
CA SER A 641 -13.72 -9.69 22.99
C SER A 641 -13.66 -10.89 22.07
N LYS A 642 -12.95 -10.81 20.93
CA LYS A 642 -12.71 -12.01 20.13
C LYS A 642 -11.92 -13.05 20.92
N TYR A 643 -11.12 -12.59 21.88
CA TYR A 643 -10.09 -13.40 22.52
C TYR A 643 -10.22 -13.48 24.02
N SER A 644 -11.15 -12.72 24.61
CA SER A 644 -11.20 -12.57 26.06
C SER A 644 -12.64 -12.39 26.50
N HIS A 645 -12.88 -12.68 27.78
CA HIS A 645 -14.17 -12.42 28.42
C HIS A 645 -14.25 -11.02 29.02
N GLN A 646 -13.15 -10.54 29.58
CA GLN A 646 -13.05 -9.20 30.16
C GLN A 646 -11.82 -8.54 29.56
N GLN A 647 -11.87 -7.20 29.48
CA GLN A 647 -10.81 -6.45 28.81
C GLN A 647 -10.35 -5.31 29.70
N PHE A 648 -9.06 -5.25 29.97
CA PHE A 648 -8.42 -4.11 30.64
C PHE A 648 -7.64 -3.35 29.57
N GLY A 649 -8.15 -2.19 29.19
CA GLY A 649 -7.51 -1.35 28.21
C GLY A 649 -7.62 0.11 28.59
N LEU A 650 -7.27 0.97 27.65
CA LEU A 650 -7.26 2.41 27.83
C LEU A 650 -8.15 3.00 26.75
N ASN A 651 -9.32 3.50 27.17
CA ASN A 651 -10.35 4.02 26.28
C ASN A 651 -10.55 5.52 26.43
N ARG A 652 -9.54 6.21 26.93
CA ARG A 652 -9.47 7.65 27.06
C ARG A 652 -8.13 8.09 26.50
N PHE A 653 -7.99 9.38 26.22
CA PHE A 653 -6.72 9.90 25.76
C PHE A 653 -5.67 9.84 26.87
N GLY A 654 -4.41 9.96 26.46
CA GLY A 654 -3.30 9.82 27.39
C GLY A 654 -2.97 11.09 28.14
N ALA A 655 -1.68 11.29 28.40
CA ALA A 655 -1.23 12.36 29.29
C ALA A 655 0.23 12.66 28.99
N SER A 656 0.66 13.87 29.29
CA SER A 656 2.06 14.25 29.13
C SER A 656 2.78 14.13 30.47
N GLY A 657 3.70 13.17 30.57
CA GLY A 657 4.48 12.94 31.76
C GLY A 657 5.45 11.80 31.50
N LYS A 658 6.29 11.54 32.50
CA LYS A 658 7.18 10.39 32.41
C LYS A 658 6.35 9.12 32.31
N ALA A 659 6.71 8.25 31.37
CA ALA A 659 5.88 7.08 31.08
C ALA A 659 5.54 6.24 32.30
N PRO A 660 6.48 5.89 33.19
CA PRO A 660 6.09 5.04 34.34
C PRO A 660 5.00 5.66 35.19
N GLU A 661 4.98 7.00 35.28
CA GLU A 661 3.96 7.67 36.04
C GLU A 661 2.60 7.59 35.35
N ILE A 662 2.59 7.59 34.03
CA ILE A 662 1.32 7.44 33.30
C ILE A 662 0.77 6.04 33.49
N PHE A 663 1.64 5.01 33.40
CA PHE A 663 1.18 3.66 33.64
C PHE A 663 0.61 3.52 35.05
N LYS A 664 1.27 4.14 36.03
CA LYS A 664 0.74 4.07 37.39
C LYS A 664 -0.61 4.77 37.49
N LEU A 665 -0.74 5.95 36.87
CA LEU A 665 -2.00 6.69 36.91
C LEU A 665 -3.17 5.85 36.44
N PHE A 666 -2.97 5.10 35.35
CA PHE A 666 -4.03 4.32 34.75
C PHE A 666 -4.08 2.88 35.29
N GLU A 667 -3.26 2.58 36.29
CA GLU A 667 -3.27 1.29 36.99
C GLU A 667 -2.82 0.14 36.12
N PHE A 668 -2.02 0.41 35.08
CA PHE A 668 -1.35 -0.62 34.30
C PHE A 668 -0.06 -0.97 35.03
N THR A 669 -0.23 -1.63 36.17
CA THR A 669 0.81 -2.06 37.09
C THR A 669 0.55 -3.52 37.43
N PRO A 670 1.53 -4.23 37.96
CA PRO A 670 1.26 -5.62 38.33
C PRO A 670 0.08 -5.74 39.29
N GLU A 671 -0.01 -4.82 40.26
CA GLU A 671 -1.11 -4.86 41.22
C GLU A 671 -2.44 -4.50 40.56
N GLY A 672 -2.44 -3.53 39.64
CA GLY A 672 -3.69 -3.16 38.99
C GLY A 672 -4.22 -4.26 38.10
N VAL A 673 -3.33 -4.93 37.38
CA VAL A 673 -3.74 -6.07 36.58
C VAL A 673 -4.22 -7.21 37.48
N ALA A 674 -3.48 -7.48 38.57
CA ALA A 674 -3.90 -8.54 39.48
C ALA A 674 -5.28 -8.27 40.06
N GLU A 675 -5.55 -7.01 40.42
CA GLU A 675 -6.86 -6.68 41.00
C GLU A 675 -7.97 -7.01 40.02
N ARG A 676 -7.78 -6.64 38.75
CA ARG A 676 -8.80 -6.89 37.74
C ARG A 676 -8.90 -8.38 37.41
N ALA A 677 -7.78 -9.10 37.45
CA ALA A 677 -7.82 -10.54 37.29
C ALA A 677 -8.61 -11.20 38.43
N ALA A 678 -8.36 -10.77 39.67
CA ALA A 678 -9.09 -11.35 40.79
C ALA A 678 -10.58 -11.05 40.68
N LYS A 679 -10.93 -9.83 40.25
CA LYS A 679 -12.34 -9.49 40.04
C LYS A 679 -12.95 -10.35 38.94
N THR A 680 -12.17 -10.65 37.90
CA THR A 680 -12.65 -11.51 36.82
C THR A 680 -12.93 -12.92 37.31
N VAL A 681 -11.99 -13.49 38.08
CA VAL A 681 -12.21 -14.81 38.67
C VAL A 681 -13.50 -14.81 39.49
N ALA A 682 -13.68 -13.78 40.32
CA ALA A 682 -14.86 -13.68 41.17
C ALA A 682 -16.14 -13.58 40.34
N PHE A 683 -16.11 -12.81 39.26
CA PHE A 683 -17.28 -12.58 38.43
C PHE A 683 -17.78 -13.86 37.79
N TYR A 684 -16.87 -14.80 37.49
CA TYR A 684 -17.25 -16.06 36.86
C TYR A 684 -17.42 -17.21 37.83
N LYS A 685 -17.28 -16.97 39.15
CA LYS A 685 -17.53 -18.02 40.11
C LYS A 685 -18.95 -18.54 39.95
N GLY A 686 -19.10 -19.84 39.81
CA GLY A 686 -20.40 -20.45 39.64
C GLY A 686 -20.97 -20.34 38.24
N LYS A 687 -20.22 -19.80 37.29
CA LYS A 687 -20.66 -19.69 35.91
C LYS A 687 -19.89 -20.69 35.05
N ASP A 688 -20.54 -21.13 33.98
CA ASP A 688 -19.90 -21.97 32.98
C ASP A 688 -19.29 -21.06 31.93
N VAL A 689 -18.02 -21.26 31.62
CA VAL A 689 -17.24 -20.37 30.78
C VAL A 689 -16.79 -21.15 29.55
N VAL A 690 -17.08 -20.64 28.35
CA VAL A 690 -16.54 -21.26 27.13
C VAL A 690 -15.60 -20.27 26.45
N SER A 691 -14.75 -20.81 25.60
CA SER A 691 -13.75 -19.96 24.97
C SER A 691 -14.39 -18.78 24.26
N PRO A 692 -13.77 -17.60 24.29
CA PRO A 692 -14.22 -16.49 23.43
C PRO A 692 -14.22 -16.85 21.95
N LEU A 693 -13.47 -17.88 21.56
CA LEU A 693 -13.44 -18.28 20.16
C LEU A 693 -14.74 -18.97 19.70
N ARG A 694 -15.56 -19.43 20.64
CA ARG A 694 -16.83 -20.05 20.25
C ARG A 694 -17.81 -18.99 19.77
N SER A 695 -18.69 -19.38 18.85
CA SER A 695 -19.74 -18.47 18.42
C SER A 695 -20.92 -19.27 17.93
N ALA A 696 -22.04 -18.56 17.81
CA ALA A 696 -23.28 -19.19 17.41
C ALA A 696 -23.36 -19.44 15.91
N PHE A 697 -22.59 -18.72 15.12
CA PHE A 697 -22.65 -18.80 13.67
C PHE A 697 -21.35 -18.20 13.14
CA CA B . -11.87 17.91 -13.52
C4' 8EL C . -13.09 10.37 -4.05
C5' 8EL C . -14.01 11.39 -3.71
C6' 8EL C . -13.67 12.20 -2.67
N1' 8EL C . -12.53 12.02 -2.00
N3' 8EL C . -11.93 10.23 -3.37
C2' 8EL C . -11.69 11.03 -2.35
CM4 8EL C . -14.98 14.36 -5.31
CM2 8EL C . -10.44 10.86 -1.53
C7 8EL C . -13.17 14.57 -9.03
C6 8EL C . -14.53 14.51 -8.37
C2 8EL C . -15.14 11.00 -6.87
C7' 8EL C . -15.38 11.59 -4.41
C4 8EL C . -14.97 13.16 -6.29
C5 8EL C . -14.77 13.27 -7.62
N4' 8EL C . -13.31 9.51 -5.06
N3 8EL C . -15.26 11.92 -5.84
O1B 8EL C . -14.81 15.73 -12.99
O1A 8EL C . -11.78 16.86 -11.55
O2B 8EL C . -12.84 15.93 -14.27
O3B 8EL C . -13.98 13.72 -14.06
O2A 8EL C . -10.94 14.79 -10.48
O7 8EL C . -13.17 15.71 -9.89
O3A 8EL C . -12.82 14.64 -12.11
PB 8EL C . -13.57 14.96 -13.47
PA 8EL C . -12.07 15.54 -11.02
S1 8EL C . -14.75 11.76 -8.45
#